data_1K9E
#
_entry.id   1K9E
#
_cell.length_a   73.576
_cell.length_b   73.576
_cell.length_c   330.568
_cell.angle_alpha   90.00
_cell.angle_beta   90.00
_cell.angle_gamma   90.00
#
_symmetry.space_group_name_H-M   'P 41 21 2'
#
loop_
_entity.id
_entity.type
_entity.pdbx_description
1 polymer alpha-D-glucuronidase
2 non-polymer '4-O-methyl-alpha-D-glucopyranuronic acid'
3 non-polymer GLYCEROL
4 water water
#
_entity_poly.entity_id   1
_entity_poly.type   'polypeptide(L)'
_entity_poly.pdbx_seq_one_letter_code
;MTAGYEPCWLRYERKDQYSRLRFEEIVAKRTSPIFQAVVEELQKGLRSMMEIEPQVVQEVNETANSIWLGTLEDEEFERP
LEGTLVHPEGYVIRSDVDDGPFRIYIIGKTDAGVLYGVFHFLRLLQMGENIAQLSIIEQPKNRLRMINHWDNMDGSIERG
YAGRSIFFVDDQFVKQNQRIKDYARLLASVGINAISINNVNVHKTETKLITDHFLPDVAEVADIFRTYGIKTFLSINYAS
PIEIGGLPTADPLDPEVRRWWKETAKRIYQYIPDFGGFVVKADSNFRPGPFTYGRDHAEGANMLAEALAPFGGLVIWRCF
VYNCQQDWRDRTTDRAKAAYDHFKPLDGQFRENVILQIKNGPMDFQVREPVSPLFGAMPKTNQMMEVQITQEYTGQQKHL
CFLIPQWKEVLDFDTYAKGKGSEVKKVIDGSLFDYRYSGIAGVSNIGSDPNWTGHTLAQANLYGFGRLAWNPDLSAEEIA
NEWVVQTFGDDSQVVETISWMLLSSWRIYENYTSPLGVGWMVNPGHHYGPNVDGYEYSHWGTYHYADRDGIGVDRTVATG
TGYTAQYFPENAAMYESLDTCPDELLLFFHHVPYTHRLHSGETVIQHIYNTHFEGVEQAKQLRKRWEQLKGKIDEKRYHD
VLERLTIQVEHAKEWRDVINTYFYRKSGIDDQYGRKIYR
;
_entity_poly.pdbx_strand_id   A
#
# COMPACT_ATOMS: atom_id res chain seq x y z
N GLY A 4 -11.26 -10.89 -20.73
CA GLY A 4 -9.82 -10.53 -20.81
C GLY A 4 -9.15 -10.55 -19.45
N TYR A 5 -9.87 -10.13 -18.42
CA TYR A 5 -9.33 -10.11 -17.06
C TYR A 5 -10.41 -10.35 -16.03
N GLU A 6 -9.99 -10.77 -14.84
CA GLU A 6 -10.90 -11.05 -13.74
C GLU A 6 -11.51 -9.80 -13.10
N PRO A 7 -12.67 -9.95 -12.46
CA PRO A 7 -13.34 -8.82 -11.81
C PRO A 7 -12.83 -8.67 -10.38
N CYS A 8 -11.89 -9.55 -10.02
CA CYS A 8 -11.32 -9.55 -8.68
C CYS A 8 -12.39 -9.70 -7.61
N TRP A 9 -12.43 -8.78 -6.65
CA TRP A 9 -13.42 -8.88 -5.57
C TRP A 9 -14.80 -8.29 -5.88
N LEU A 10 -14.93 -7.65 -7.04
CA LEU A 10 -16.20 -7.07 -7.42
C LEU A 10 -16.91 -8.05 -8.35
N ARG A 11 -17.12 -9.27 -7.85
CA ARG A 11 -17.77 -10.30 -8.63
C ARG A 11 -19.27 -10.11 -8.82
N TYR A 12 -19.94 -9.63 -7.78
CA TYR A 12 -21.38 -9.43 -7.83
C TYR A 12 -22.05 -10.73 -8.29
N GLU A 13 -21.66 -11.83 -7.66
CA GLU A 13 -22.21 -13.15 -7.96
C GLU A 13 -23.71 -13.19 -7.78
N ARG A 14 -24.40 -13.83 -8.73
CA ARG A 14 -25.85 -13.96 -8.68
C ARG A 14 -26.30 -14.69 -7.41
N LYS A 15 -27.20 -14.07 -6.66
CA LYS A 15 -27.72 -14.65 -5.42
C LYS A 15 -28.80 -15.69 -5.72
N ASP A 16 -29.07 -16.58 -4.75
CA ASP A 16 -30.13 -17.55 -4.95
C ASP A 16 -31.46 -16.83 -4.74
N GLN A 17 -32.57 -17.51 -4.96
CA GLN A 17 -33.90 -16.92 -4.82
C GLN A 17 -34.28 -16.49 -3.41
N TYR A 18 -33.49 -16.89 -2.42
CA TYR A 18 -33.80 -16.57 -1.04
C TYR A 18 -32.95 -15.46 -0.45
N SER A 19 -32.13 -14.83 -1.28
CA SER A 19 -31.24 -13.79 -0.80
C SER A 19 -31.32 -12.54 -1.67
N ARG A 20 -32.53 -12.22 -2.13
CA ARG A 20 -32.70 -11.06 -2.99
C ARG A 20 -33.40 -9.90 -2.32
N LEU A 21 -33.35 -8.75 -2.99
CA LEU A 21 -33.94 -7.52 -2.48
C LEU A 21 -34.95 -6.97 -3.46
N ARG A 22 -35.97 -6.30 -2.94
CA ARG A 22 -37.00 -5.72 -3.78
C ARG A 22 -36.85 -4.21 -3.84
N PHE A 23 -36.44 -3.70 -5.00
CA PHE A 23 -36.27 -2.27 -5.22
C PHE A 23 -36.80 -1.92 -6.60
N GLU A 24 -37.59 -0.85 -6.71
CA GLU A 24 -38.11 -0.45 -8.01
C GLU A 24 -37.38 0.77 -8.55
N GLU A 25 -36.81 1.58 -7.67
CA GLU A 25 -36.12 2.78 -8.15
C GLU A 25 -34.86 3.17 -7.39
N ILE A 26 -34.00 3.87 -8.12
CA ILE A 26 -32.76 4.40 -7.58
C ILE A 26 -32.95 5.90 -7.72
N VAL A 27 -32.91 6.62 -6.60
CA VAL A 27 -33.08 8.07 -6.63
C VAL A 27 -31.73 8.75 -6.62
N ALA A 28 -31.30 9.24 -7.77
CA ALA A 28 -30.03 9.93 -7.90
C ALA A 28 -30.32 11.43 -7.84
N LYS A 29 -30.04 12.03 -6.69
CA LYS A 29 -30.29 13.46 -6.50
C LYS A 29 -29.33 14.39 -7.24
N ARG A 30 -28.26 13.84 -7.80
CA ARG A 30 -27.29 14.65 -8.53
C ARG A 30 -26.96 14.08 -9.90
N THR A 31 -26.42 14.92 -10.77
CA THR A 31 -26.09 14.50 -12.13
C THR A 31 -24.62 14.66 -12.52
N SER A 32 -23.74 14.81 -11.53
CA SER A 32 -22.31 14.97 -11.80
C SER A 32 -21.66 13.69 -12.33
N PRO A 33 -20.50 13.81 -12.99
CA PRO A 33 -19.79 12.65 -13.53
C PRO A 33 -19.60 11.54 -12.49
N ILE A 34 -19.27 11.91 -11.26
CA ILE A 34 -19.10 10.93 -10.20
C ILE A 34 -20.42 10.22 -9.94
N PHE A 35 -21.49 11.00 -9.77
CA PHE A 35 -22.81 10.42 -9.52
C PHE A 35 -23.20 9.46 -10.64
N GLN A 36 -22.80 9.81 -11.87
CA GLN A 36 -23.11 8.98 -13.02
C GLN A 36 -22.42 7.62 -12.89
N ALA A 37 -21.18 7.64 -12.38
CA ALA A 37 -20.43 6.41 -12.21
C ALA A 37 -21.02 5.61 -11.05
N VAL A 38 -21.43 6.33 -10.00
CA VAL A 38 -22.02 5.69 -8.83
C VAL A 38 -23.28 4.93 -9.23
N VAL A 39 -24.16 5.60 -9.94
CA VAL A 39 -25.40 4.99 -10.41
C VAL A 39 -25.12 3.76 -11.27
N GLU A 40 -24.20 3.91 -12.22
CA GLU A 40 -23.86 2.80 -13.10
C GLU A 40 -23.37 1.60 -12.30
N GLU A 41 -22.56 1.85 -11.27
CA GLU A 41 -22.04 0.77 -10.44
C GLU A 41 -23.17 0.10 -9.66
N LEU A 42 -24.08 0.90 -9.12
CA LEU A 42 -25.20 0.34 -8.36
C LEU A 42 -26.06 -0.52 -9.29
N GLN A 43 -26.32 -0.01 -10.50
CA GLN A 43 -27.13 -0.75 -11.46
C GLN A 43 -26.44 -2.09 -11.78
N LYS A 44 -25.12 -2.03 -11.98
CA LYS A 44 -24.33 -3.21 -12.30
C LYS A 44 -24.41 -4.26 -11.20
N GLY A 45 -24.19 -3.85 -9.94
CA GLY A 45 -24.23 -4.78 -8.84
C GLY A 45 -25.60 -5.40 -8.60
N LEU A 46 -26.64 -4.57 -8.66
CA LEU A 46 -28.00 -5.05 -8.44
C LEU A 46 -28.47 -5.96 -9.58
N ARG A 47 -28.05 -5.65 -10.80
CA ARG A 47 -28.44 -6.46 -11.95
C ARG A 47 -27.77 -7.83 -11.87
N SER A 48 -26.46 -7.82 -11.63
CA SER A 48 -25.69 -9.06 -11.54
C SER A 48 -26.05 -9.91 -10.33
N MET A 49 -26.15 -9.26 -9.16
CA MET A 49 -26.48 -10.00 -7.94
C MET A 49 -27.95 -10.31 -7.70
N MET A 50 -28.81 -9.31 -7.90
N MET A 50 -28.81 -9.31 -7.90
CA MET A 50 -30.24 -9.47 -7.64
CA MET A 50 -30.24 -9.47 -7.64
C MET A 50 -31.14 -9.67 -8.86
C MET A 50 -31.14 -9.67 -8.86
N GLU A 51 -30.59 -9.53 -10.05
CA GLU A 51 -31.37 -9.69 -11.27
C GLU A 51 -32.53 -8.69 -11.33
N ILE A 52 -32.29 -7.48 -10.83
CA ILE A 52 -33.31 -6.43 -10.87
C ILE A 52 -32.74 -5.21 -11.56
N GLU A 53 -33.61 -4.42 -12.18
CA GLU A 53 -33.17 -3.22 -12.88
C GLU A 53 -34.04 -2.02 -12.49
N PRO A 54 -33.79 -1.46 -11.30
N PRO A 54 -33.79 -1.46 -11.30
CA PRO A 54 -34.55 -0.30 -10.80
CA PRO A 54 -34.55 -0.30 -10.80
C PRO A 54 -34.41 0.86 -11.76
C PRO A 54 -34.41 0.86 -11.76
N GLN A 55 -35.48 1.65 -11.90
CA GLN A 55 -35.42 2.80 -12.78
C GLN A 55 -34.69 3.93 -12.04
N VAL A 56 -33.84 4.66 -12.76
CA VAL A 56 -33.11 5.76 -12.15
C VAL A 56 -33.95 7.03 -12.25
N VAL A 57 -34.20 7.65 -11.11
CA VAL A 57 -35.02 8.85 -11.06
C VAL A 57 -34.30 9.93 -10.23
N GLN A 58 -34.84 11.15 -10.24
N GLN A 58 -34.84 11.15 -10.24
CA GLN A 58 -34.24 12.24 -9.49
CA GLN A 58 -34.24 12.24 -9.49
C GLN A 58 -35.11 12.69 -8.33
C GLN A 58 -35.11 12.69 -8.33
N GLU A 59 -36.29 12.10 -8.20
CA GLU A 59 -37.21 12.43 -7.13
C GLU A 59 -37.81 11.15 -6.56
N VAL A 60 -37.89 11.08 -5.24
CA VAL A 60 -38.43 9.90 -4.59
C VAL A 60 -39.90 9.66 -4.91
N ASN A 61 -40.24 8.39 -5.11
CA ASN A 61 -41.62 7.99 -5.36
C ASN A 61 -42.07 7.48 -4.01
N GLU A 62 -42.92 8.25 -3.34
CA GLU A 62 -43.42 7.93 -2.02
C GLU A 62 -43.87 6.48 -1.80
N THR A 63 -44.31 5.81 -2.86
CA THR A 63 -44.79 4.44 -2.71
C THR A 63 -43.89 3.36 -3.28
N ALA A 64 -42.67 3.74 -3.68
CA ALA A 64 -41.75 2.78 -4.26
C ALA A 64 -40.61 2.39 -3.32
N ASN A 65 -40.16 1.14 -3.43
CA ASN A 65 -39.02 0.69 -2.64
C ASN A 65 -37.85 1.35 -3.36
N SER A 66 -37.05 2.12 -2.64
CA SER A 66 -35.96 2.83 -3.31
C SER A 66 -34.65 2.90 -2.56
N ILE A 67 -33.59 3.19 -3.32
CA ILE A 67 -32.27 3.41 -2.77
C ILE A 67 -32.07 4.87 -3.13
N TRP A 68 -31.86 5.70 -2.12
CA TRP A 68 -31.69 7.14 -2.28
C TRP A 68 -30.21 7.53 -2.21
N LEU A 69 -29.76 8.30 -3.20
CA LEU A 69 -28.37 8.75 -3.26
C LEU A 69 -28.30 10.27 -3.29
N GLY A 70 -27.55 10.86 -2.36
CA GLY A 70 -27.43 12.30 -2.36
C GLY A 70 -26.57 12.81 -1.22
N THR A 71 -26.39 14.12 -1.18
CA THR A 71 -25.60 14.75 -0.13
C THR A 71 -26.55 15.46 0.83
N LEU A 72 -26.01 16.00 1.92
CA LEU A 72 -26.83 16.70 2.90
C LEU A 72 -27.74 17.74 2.26
N GLU A 73 -27.20 18.51 1.33
N GLU A 73 -27.20 18.51 1.33
CA GLU A 73 -27.97 19.56 0.66
CA GLU A 73 -27.96 19.56 0.65
C GLU A 73 -29.14 19.02 -0.16
C GLU A 73 -29.13 19.03 -0.16
N ASP A 74 -29.12 17.73 -0.44
CA ASP A 74 -30.20 17.11 -1.22
C ASP A 74 -31.31 16.54 -0.35
N GLU A 75 -31.06 16.47 0.95
CA GLU A 75 -32.03 15.91 1.88
C GLU A 75 -33.23 16.81 2.17
N GLU A 76 -34.37 16.17 2.40
CA GLU A 76 -35.59 16.87 2.73
C GLU A 76 -35.52 17.11 4.24
N PHE A 77 -35.16 16.06 4.96
CA PHE A 77 -35.02 16.10 6.41
C PHE A 77 -33.65 15.55 6.79
N GLU A 78 -32.77 16.42 7.27
N GLU A 78 -32.77 16.42 7.27
CA GLU A 78 -31.44 16.02 7.67
CA GLU A 78 -31.44 16.02 7.67
C GLU A 78 -31.45 15.43 9.08
C GLU A 78 -31.45 15.43 9.08
N ARG A 79 -31.39 14.10 9.15
CA ARG A 79 -31.40 13.41 10.44
C ARG A 79 -30.09 13.67 11.19
N PRO A 80 -30.08 13.41 12.51
CA PRO A 80 -28.91 13.61 13.37
C PRO A 80 -27.62 12.89 12.97
N LEU A 81 -27.72 11.61 12.64
CA LEU A 81 -26.54 10.83 12.27
C LEU A 81 -25.69 11.48 11.17
N GLU A 82 -26.26 11.67 9.99
CA GLU A 82 -25.52 12.29 8.90
C GLU A 82 -25.13 13.72 9.28
N GLY A 83 -25.82 14.26 10.27
CA GLY A 83 -25.54 15.61 10.72
C GLY A 83 -24.22 15.72 11.46
N THR A 84 -23.69 14.59 11.92
CA THR A 84 -22.42 14.59 12.63
C THR A 84 -21.21 14.47 11.70
N LEU A 85 -21.46 14.18 10.42
CA LEU A 85 -20.40 14.04 9.43
C LEU A 85 -19.60 15.33 9.27
N VAL A 86 -18.27 15.19 9.26
CA VAL A 86 -17.39 16.34 9.08
C VAL A 86 -16.39 16.10 7.95
N HIS A 87 -16.03 14.85 7.73
CA HIS A 87 -15.07 14.53 6.68
C HIS A 87 -15.76 14.57 5.31
N PRO A 88 -15.14 15.23 4.33
CA PRO A 88 -15.70 15.35 2.98
C PRO A 88 -16.01 14.03 2.29
N GLU A 89 -15.28 12.98 2.63
CA GLU A 89 -15.49 11.67 2.01
C GLU A 89 -16.31 10.72 2.87
N GLY A 90 -16.83 11.24 3.97
CA GLY A 90 -17.64 10.43 4.87
C GLY A 90 -19.05 10.25 4.35
N TYR A 91 -19.77 9.28 4.92
CA TYR A 91 -21.14 9.02 4.49
C TYR A 91 -21.92 8.27 5.55
N VAL A 92 -23.22 8.22 5.35
CA VAL A 92 -24.12 7.53 6.25
C VAL A 92 -25.03 6.64 5.41
N ILE A 93 -25.32 5.44 5.92
CA ILE A 93 -26.23 4.54 5.23
C ILE A 93 -27.23 4.13 6.29
N ARG A 94 -28.50 4.36 6.03
CA ARG A 94 -29.53 3.98 6.98
C ARG A 94 -30.83 3.60 6.31
N SER A 95 -31.48 2.56 6.84
N SER A 95 -31.48 2.56 6.84
CA SER A 95 -32.75 2.09 6.32
CA SER A 95 -32.75 2.09 6.32
C SER A 95 -33.85 2.91 6.98
C SER A 95 -33.85 2.91 6.98
N ASP A 96 -34.85 3.31 6.20
CA ASP A 96 -35.95 4.10 6.74
C ASP A 96 -36.65 3.24 7.79
N VAL A 97 -36.88 3.81 8.98
CA VAL A 97 -37.52 3.08 10.07
C VAL A 97 -39.05 3.03 10.02
N ASP A 98 -39.66 3.73 9.07
CA ASP A 98 -41.11 3.73 8.98
C ASP A 98 -41.62 2.37 8.49
N ASP A 99 -42.94 2.20 8.50
CA ASP A 99 -43.54 0.93 8.07
C ASP A 99 -44.00 0.89 6.63
N GLY A 100 -43.71 1.95 5.87
CA GLY A 100 -44.13 1.98 4.48
C GLY A 100 -43.17 1.26 3.54
N PRO A 101 -42.94 1.84 2.34
CA PRO A 101 -42.02 1.23 1.37
C PRO A 101 -40.63 1.08 1.98
N PHE A 102 -39.82 0.20 1.41
CA PHE A 102 -38.46 0.01 1.91
C PHE A 102 -37.57 1.06 1.28
N ARG A 103 -36.84 1.79 2.12
CA ARG A 103 -35.95 2.82 1.61
C ARG A 103 -34.56 2.76 2.24
N ILE A 104 -33.54 2.83 1.40
CA ILE A 104 -32.17 2.84 1.87
C ILE A 104 -31.61 4.20 1.49
N TYR A 105 -31.14 4.93 2.50
CA TYR A 105 -30.56 6.25 2.28
C TYR A 105 -29.04 6.20 2.34
N ILE A 106 -28.38 6.61 1.25
CA ILE A 106 -26.93 6.66 1.23
C ILE A 106 -26.62 8.15 1.12
N ILE A 107 -26.19 8.72 2.25
CA ILE A 107 -25.90 10.15 2.34
C ILE A 107 -24.42 10.45 2.49
N GLY A 108 -23.85 11.15 1.51
CA GLY A 108 -22.44 11.49 1.57
C GLY A 108 -22.24 12.97 1.82
N LYS A 109 -21.13 13.31 2.46
CA LYS A 109 -20.82 14.71 2.74
C LYS A 109 -20.57 15.42 1.41
N THR A 110 -20.05 14.66 0.44
CA THR A 110 -19.79 15.15 -0.91
C THR A 110 -20.03 13.98 -1.84
N ASP A 111 -19.97 14.21 -3.15
CA ASP A 111 -20.19 13.14 -4.12
C ASP A 111 -19.27 11.94 -3.86
N ALA A 112 -18.00 12.20 -3.55
CA ALA A 112 -17.05 11.13 -3.27
C ALA A 112 -17.60 10.26 -2.14
N GLY A 113 -18.18 10.92 -1.14
CA GLY A 113 -18.76 10.20 -0.02
C GLY A 113 -19.84 9.25 -0.46
N VAL A 114 -20.66 9.68 -1.42
CA VAL A 114 -21.74 8.84 -1.93
C VAL A 114 -21.18 7.64 -2.68
N LEU A 115 -20.07 7.86 -3.40
CA LEU A 115 -19.42 6.80 -4.14
C LEU A 115 -18.94 5.71 -3.18
N TYR A 116 -18.24 6.12 -2.14
CA TYR A 116 -17.73 5.18 -1.16
C TYR A 116 -18.87 4.53 -0.38
N GLY A 117 -19.96 5.27 -0.20
CA GLY A 117 -21.11 4.72 0.50
C GLY A 117 -21.74 3.60 -0.32
N VAL A 118 -21.86 3.83 -1.62
CA VAL A 118 -22.44 2.84 -2.52
C VAL A 118 -21.59 1.57 -2.56
N PHE A 119 -20.28 1.72 -2.61
CA PHE A 119 -19.42 0.56 -2.62
C PHE A 119 -19.53 -0.19 -1.30
N HIS A 120 -19.80 0.53 -0.21
CA HIS A 120 -19.97 -0.10 1.09
C HIS A 120 -21.29 -0.87 1.06
N PHE A 121 -22.31 -0.28 0.46
CA PHE A 121 -23.63 -0.92 0.34
C PHE A 121 -23.49 -2.20 -0.49
N LEU A 122 -22.80 -2.10 -1.62
CA LEU A 122 -22.59 -3.24 -2.50
C LEU A 122 -21.77 -4.33 -1.79
N ARG A 123 -20.84 -3.90 -0.94
CA ARG A 123 -20.01 -4.85 -0.20
C ARG A 123 -20.91 -5.64 0.77
N LEU A 124 -21.86 -4.95 1.40
CA LEU A 124 -22.78 -5.61 2.31
C LEU A 124 -23.60 -6.66 1.56
N LEU A 125 -24.03 -6.33 0.35
CA LEU A 125 -24.79 -7.28 -0.44
C LEU A 125 -23.94 -8.48 -0.87
N GLN A 126 -22.71 -8.23 -1.32
CA GLN A 126 -21.85 -9.33 -1.74
C GLN A 126 -21.61 -10.28 -0.57
N MET A 127 -21.48 -9.73 0.63
N MET A 127 -21.48 -9.73 0.63
CA MET A 127 -21.24 -10.54 1.81
CA MET A 127 -21.24 -10.54 1.81
C MET A 127 -22.52 -11.10 2.42
C MET A 127 -22.52 -11.10 2.42
N GLY A 128 -23.65 -10.79 1.80
CA GLY A 128 -24.93 -11.28 2.29
C GLY A 128 -25.41 -10.79 3.64
N GLU A 129 -25.12 -9.53 3.96
CA GLU A 129 -25.56 -8.96 5.23
C GLU A 129 -27.03 -8.56 5.17
N ASN A 130 -27.70 -8.59 6.31
CA ASN A 130 -29.12 -8.21 6.37
C ASN A 130 -29.14 -6.68 6.34
N ILE A 131 -29.84 -6.10 5.37
CA ILE A 131 -29.89 -4.64 5.29
C ILE A 131 -31.23 -4.07 5.71
N ALA A 132 -32.05 -4.87 6.37
CA ALA A 132 -33.38 -4.41 6.81
C ALA A 132 -33.33 -3.22 7.76
N GLN A 133 -32.34 -3.20 8.67
CA GLN A 133 -32.20 -2.10 9.63
C GLN A 133 -30.79 -1.52 9.71
N LEU A 134 -30.34 -0.92 8.63
CA LEU A 134 -28.99 -0.35 8.61
C LEU A 134 -28.91 1.03 9.26
N SER A 135 -27.79 1.26 9.94
CA SER A 135 -27.50 2.53 10.59
C SER A 135 -25.97 2.59 10.63
N ILE A 136 -25.39 3.09 9.54
CA ILE A 136 -23.95 3.16 9.38
C ILE A 136 -23.41 4.57 9.13
N ILE A 137 -22.27 4.86 9.75
CA ILE A 137 -21.58 6.14 9.55
C ILE A 137 -20.10 5.79 9.37
N GLU A 138 -19.52 6.25 8.26
CA GLU A 138 -18.13 5.99 7.96
C GLU A 138 -17.40 7.22 7.45
N GLN A 139 -16.21 7.46 7.99
CA GLN A 139 -15.38 8.57 7.59
C GLN A 139 -13.96 8.01 7.57
N PRO A 140 -13.22 8.22 6.46
CA PRO A 140 -11.85 7.71 6.38
C PRO A 140 -10.92 8.38 7.36
N LYS A 141 -9.94 7.64 7.86
CA LYS A 141 -8.97 8.17 8.82
C LYS A 141 -7.84 8.93 8.11
N ASN A 142 -7.43 8.41 6.95
CA ASN A 142 -6.35 9.02 6.18
C ASN A 142 -6.85 9.87 5.01
N ARG A 143 -6.39 11.12 4.96
CA ARG A 143 -6.80 12.02 3.88
C ARG A 143 -6.29 11.53 2.53
N LEU A 144 -5.04 11.11 2.50
CA LEU A 144 -4.45 10.58 1.27
C LEU A 144 -4.41 9.06 1.38
N ARG A 145 -5.03 8.39 0.41
CA ARG A 145 -5.08 6.93 0.36
C ARG A 145 -4.67 6.70 -1.09
N MET A 146 -3.36 6.66 -1.26
CA MET A 146 -2.73 6.61 -2.57
C MET A 146 -2.03 5.36 -3.05
N ILE A 147 -1.95 5.25 -4.37
CA ILE A 147 -1.28 4.16 -5.05
C ILE A 147 -0.17 4.75 -5.92
N ASN A 148 1.02 4.18 -5.82
CA ASN A 148 2.15 4.63 -6.62
C ASN A 148 2.45 3.56 -7.66
N HIS A 149 2.52 3.97 -8.92
CA HIS A 149 2.84 3.02 -9.97
C HIS A 149 4.29 3.16 -10.37
N TRP A 150 4.97 2.03 -10.53
CA TRP A 150 6.35 2.04 -10.95
C TRP A 150 6.45 1.66 -12.43
N ASP A 151 5.35 1.91 -13.14
CA ASP A 151 5.23 1.64 -14.58
C ASP A 151 6.14 2.55 -15.40
N ASN A 152 6.72 1.99 -16.47
CA ASN A 152 7.57 2.74 -17.38
C ASN A 152 6.76 2.83 -18.68
N MET A 153 7.04 3.84 -19.50
CA MET A 153 6.29 3.99 -20.74
C MET A 153 6.63 3.00 -21.86
N ASP A 154 7.67 2.19 -21.66
CA ASP A 154 8.01 1.19 -22.67
C ASP A 154 7.21 -0.07 -22.39
N GLY A 155 6.37 -0.02 -21.35
CA GLY A 155 5.54 -1.16 -21.01
C GLY A 155 6.01 -1.94 -19.80
N SER A 156 7.30 -1.82 -19.48
CA SER A 156 7.86 -2.51 -18.33
C SER A 156 7.41 -1.83 -17.04
N ILE A 157 7.44 -2.59 -15.95
CA ILE A 157 7.09 -2.07 -14.63
C ILE A 157 8.26 -2.43 -13.73
N GLU A 158 8.88 -1.43 -13.11
CA GLU A 158 10.00 -1.73 -12.22
C GLU A 158 9.45 -2.49 -11.03
N ARG A 159 10.02 -3.67 -10.78
CA ARG A 159 9.58 -4.53 -9.69
C ARG A 159 8.11 -4.94 -9.91
N GLY A 160 7.77 -5.20 -11.17
CA GLY A 160 6.42 -5.61 -11.52
C GLY A 160 6.44 -7.11 -11.77
N TYR A 161 5.61 -7.85 -11.04
CA TYR A 161 5.56 -9.30 -11.14
C TYR A 161 4.20 -9.81 -11.58
N ALA A 162 3.40 -8.91 -12.14
CA ALA A 162 2.05 -9.26 -12.58
C ALA A 162 1.76 -8.88 -14.03
N GLY A 163 2.81 -8.89 -14.86
CA GLY A 163 2.63 -8.54 -16.26
C GLY A 163 3.09 -7.13 -16.56
N ARG A 164 2.83 -6.68 -17.78
CA ARG A 164 3.23 -5.35 -18.22
C ARG A 164 2.26 -4.24 -17.81
N SER A 165 2.66 -3.00 -18.03
CA SER A 165 1.84 -1.85 -17.69
C SER A 165 0.48 -1.87 -18.40
N ILE A 166 -0.57 -1.44 -17.70
CA ILE A 166 -1.89 -1.38 -18.29
C ILE A 166 -2.10 0.05 -18.80
N PHE A 167 -1.12 0.91 -18.53
CA PHE A 167 -1.17 2.32 -18.94
C PHE A 167 -0.38 2.63 -20.21
N PHE A 168 0.84 2.10 -20.28
CA PHE A 168 1.72 2.39 -21.41
C PHE A 168 2.21 1.22 -22.25
N VAL A 169 2.61 1.54 -23.47
CA VAL A 169 3.16 0.58 -24.41
C VAL A 169 3.81 1.37 -25.56
N ASP A 170 4.97 0.91 -26.00
N ASP A 170 4.97 0.91 -26.00
CA ASP A 170 5.71 1.56 -27.08
CA ASP A 170 5.71 1.56 -27.08
C ASP A 170 5.89 3.06 -26.84
C ASP A 170 5.89 3.06 -26.84
N ASP A 171 6.29 3.43 -25.63
CA ASP A 171 6.50 4.84 -25.28
C ASP A 171 5.29 5.72 -25.52
N GLN A 172 4.10 5.14 -25.36
CA GLN A 172 2.86 5.88 -25.57
C GLN A 172 1.80 5.32 -24.63
N PHE A 173 0.65 5.99 -24.58
CA PHE A 173 -0.46 5.54 -23.77
C PHE A 173 -1.23 4.48 -24.55
N VAL A 174 -1.78 3.50 -23.85
CA VAL A 174 -2.54 2.45 -24.53
C VAL A 174 -3.85 3.05 -25.03
N LYS A 175 -4.20 2.75 -26.27
CA LYS A 175 -5.44 3.26 -26.87
C LYS A 175 -6.63 2.69 -26.12
N GLN A 176 -6.39 1.63 -25.37
CA GLN A 176 -7.42 0.96 -24.57
C GLN A 176 -7.58 1.65 -23.23
N ASN A 177 -8.82 2.00 -22.89
CA ASN A 177 -9.08 2.67 -21.61
C ASN A 177 -10.11 1.93 -20.77
N GLN A 178 -10.74 0.91 -21.36
CA GLN A 178 -11.75 0.16 -20.62
C GLN A 178 -11.13 -0.48 -19.39
N ARG A 179 -9.91 -1.00 -19.52
CA ARG A 179 -9.28 -1.63 -18.35
C ARG A 179 -8.96 -0.58 -17.30
N ILE A 180 -8.68 0.65 -17.74
CA ILE A 180 -8.39 1.71 -16.80
C ILE A 180 -9.64 2.01 -15.98
N LYS A 181 -10.80 1.95 -16.61
CA LYS A 181 -12.06 2.20 -15.92
C LYS A 181 -12.33 1.13 -14.87
N ASP A 182 -12.09 -0.13 -15.23
CA ASP A 182 -12.31 -1.21 -14.28
C ASP A 182 -11.29 -1.15 -13.14
N TYR A 183 -10.11 -0.64 -13.43
CA TYR A 183 -9.08 -0.52 -12.42
C TYR A 183 -9.53 0.57 -11.45
N ALA A 184 -10.06 1.66 -11.99
CA ALA A 184 -10.55 2.77 -11.17
C ALA A 184 -11.68 2.28 -10.26
N ARG A 185 -12.57 1.45 -10.81
CA ARG A 185 -13.68 0.91 -10.04
C ARG A 185 -13.12 0.11 -8.86
N LEU A 186 -12.10 -0.69 -9.13
CA LEU A 186 -11.46 -1.50 -8.09
C LEU A 186 -10.85 -0.63 -7.00
N LEU A 187 -10.09 0.39 -7.40
CA LEU A 187 -9.45 1.28 -6.44
C LEU A 187 -10.49 2.02 -5.61
N ALA A 188 -11.52 2.53 -6.26
CA ALA A 188 -12.58 3.27 -5.58
C ALA A 188 -13.36 2.38 -4.61
N SER A 189 -13.56 1.11 -4.97
CA SER A 189 -14.30 0.20 -4.11
C SER A 189 -13.66 0.12 -2.72
N VAL A 190 -12.35 0.27 -2.65
CA VAL A 190 -11.66 0.23 -1.36
C VAL A 190 -11.20 1.60 -0.88
N GLY A 191 -11.81 2.65 -1.42
CA GLY A 191 -11.51 4.00 -1.00
C GLY A 191 -10.25 4.71 -1.43
N ILE A 192 -9.48 4.11 -2.33
CA ILE A 192 -8.26 4.73 -2.81
C ILE A 192 -8.66 5.98 -3.61
N ASN A 193 -8.12 7.13 -3.20
CA ASN A 193 -8.48 8.41 -3.82
C ASN A 193 -7.35 9.18 -4.51
N ALA A 194 -6.23 8.53 -4.76
CA ALA A 194 -5.10 9.21 -5.39
C ALA A 194 -4.18 8.22 -6.07
N ILE A 195 -3.58 8.64 -7.17
CA ILE A 195 -2.70 7.75 -7.89
C ILE A 195 -1.64 8.47 -8.72
N SER A 196 -0.43 7.92 -8.71
CA SER A 196 0.67 8.44 -9.50
C SER A 196 0.84 7.32 -10.54
N ILE A 197 0.66 7.67 -11.82
CA ILE A 197 0.71 6.67 -12.88
C ILE A 197 2.05 6.25 -13.46
N ASN A 198 3.13 6.93 -13.09
CA ASN A 198 4.44 6.60 -13.62
C ASN A 198 5.53 6.40 -12.57
N ASN A 199 6.50 5.56 -12.94
CA ASN A 199 7.64 5.19 -12.10
C ASN A 199 8.31 6.39 -11.42
N VAL A 200 8.67 6.22 -10.14
CA VAL A 200 9.33 7.28 -9.40
C VAL A 200 10.73 7.52 -10.00
N ASN A 201 11.25 6.50 -10.70
CA ASN A 201 12.53 6.63 -11.40
C ASN A 201 12.07 7.09 -12.78
N VAL A 202 12.02 8.41 -12.99
CA VAL A 202 11.56 8.99 -14.24
C VAL A 202 12.62 9.00 -15.33
N HIS A 203 12.39 8.21 -16.38
CA HIS A 203 13.35 8.12 -17.48
C HIS A 203 13.08 9.15 -18.58
N LYS A 204 13.84 9.06 -19.67
CA LYS A 204 13.74 10.00 -20.78
C LYS A 204 12.34 10.33 -21.29
N THR A 205 11.60 9.32 -21.74
CA THR A 205 10.27 9.56 -22.25
C THR A 205 9.29 10.02 -21.18
N GLU A 206 9.35 9.39 -20.01
CA GLU A 206 8.44 9.73 -18.91
C GLU A 206 8.64 11.17 -18.43
N THR A 207 9.82 11.71 -18.63
CA THR A 207 10.10 13.08 -18.23
C THR A 207 9.18 14.02 -19.00
N LYS A 208 8.76 13.58 -20.18
CA LYS A 208 7.89 14.38 -21.03
C LYS A 208 6.40 14.32 -20.69
N LEU A 209 6.05 13.57 -19.64
CA LEU A 209 4.64 13.49 -19.25
C LEU A 209 4.10 14.84 -18.80
N ILE A 210 5.00 15.76 -18.45
CA ILE A 210 4.58 17.09 -18.03
C ILE A 210 4.67 18.13 -19.15
N THR A 211 4.69 17.66 -20.40
CA THR A 211 4.76 18.55 -21.55
C THR A 211 3.50 18.43 -22.40
N ASP A 212 3.26 19.41 -23.27
CA ASP A 212 2.08 19.40 -24.13
C ASP A 212 1.96 18.14 -24.97
N HIS A 213 3.09 17.53 -25.30
CA HIS A 213 3.06 16.33 -26.13
C HIS A 213 2.30 15.16 -25.51
N PHE A 214 2.37 15.00 -24.20
CA PHE A 214 1.66 13.91 -23.52
C PHE A 214 0.52 14.33 -22.60
N LEU A 215 0.46 15.61 -22.24
CA LEU A 215 -0.59 16.07 -21.34
C LEU A 215 -2.02 15.73 -21.79
N PRO A 216 -2.28 15.72 -23.11
CA PRO A 216 -3.65 15.38 -23.51
C PRO A 216 -3.98 13.95 -23.09
N ASP A 217 -3.00 13.05 -23.22
CA ASP A 217 -3.20 11.65 -22.85
C ASP A 217 -3.30 11.51 -21.34
N VAL A 218 -2.48 12.24 -20.60
CA VAL A 218 -2.52 12.18 -19.15
C VAL A 218 -3.90 12.66 -18.69
N ALA A 219 -4.38 13.72 -19.33
CA ALA A 219 -5.68 14.29 -18.99
C ALA A 219 -6.81 13.29 -19.24
N GLU A 220 -6.69 12.52 -20.32
CA GLU A 220 -7.70 11.52 -20.65
C GLU A 220 -7.78 10.47 -19.55
N VAL A 221 -6.62 10.10 -19.00
CA VAL A 221 -6.55 9.11 -17.93
C VAL A 221 -7.10 9.72 -16.64
N ALA A 222 -6.72 10.96 -16.38
CA ALA A 222 -7.18 11.67 -15.18
C ALA A 222 -8.70 11.87 -15.21
N ASP A 223 -9.26 12.02 -16.40
CA ASP A 223 -10.71 12.20 -16.52
C ASP A 223 -11.42 10.96 -16.00
N ILE A 224 -10.88 9.79 -16.32
CA ILE A 224 -11.47 8.55 -15.88
C ILE A 224 -11.38 8.43 -14.36
N PHE A 225 -10.18 8.63 -13.81
CA PHE A 225 -10.00 8.54 -12.38
C PHE A 225 -10.84 9.55 -11.60
N ARG A 226 -11.01 10.75 -12.17
CA ARG A 226 -11.80 11.79 -11.52
C ARG A 226 -13.23 11.30 -11.29
N THR A 227 -13.76 10.59 -12.29
CA THR A 227 -15.10 10.04 -12.23
C THR A 227 -15.26 9.07 -11.06
N TYR A 228 -14.15 8.47 -10.64
CA TYR A 228 -14.18 7.53 -9.53
C TYR A 228 -13.55 8.09 -8.26
N GLY A 229 -13.59 9.42 -8.14
CA GLY A 229 -13.07 10.10 -6.96
C GLY A 229 -11.57 9.96 -6.74
N ILE A 230 -10.83 9.77 -7.83
CA ILE A 230 -9.39 9.60 -7.74
C ILE A 230 -8.62 10.75 -8.36
N LYS A 231 -7.74 11.36 -7.56
CA LYS A 231 -6.90 12.47 -7.99
C LYS A 231 -5.65 11.91 -8.67
N THR A 232 -5.23 12.53 -9.78
CA THR A 232 -4.07 12.05 -10.52
C THR A 232 -2.79 12.83 -10.26
N PHE A 233 -1.70 12.09 -10.05
CA PHE A 233 -0.37 12.64 -9.79
C PHE A 233 0.64 12.13 -10.81
N LEU A 234 1.77 12.82 -10.92
CA LEU A 234 2.83 12.40 -11.83
C LEU A 234 4.16 12.42 -11.10
N SER A 235 4.98 11.39 -11.31
CA SER A 235 6.31 11.37 -10.69
C SER A 235 7.12 12.25 -11.64
N ILE A 236 7.94 13.14 -11.10
CA ILE A 236 8.72 14.00 -11.98
C ILE A 236 10.23 13.82 -11.89
N ASN A 237 10.90 14.26 -12.94
CA ASN A 237 12.35 14.21 -13.03
C ASN A 237 12.81 15.59 -12.55
N TYR A 238 13.51 15.64 -11.42
CA TYR A 238 13.96 16.91 -10.88
C TYR A 238 14.83 17.71 -11.86
N ALA A 239 15.49 17.00 -12.77
CA ALA A 239 16.35 17.63 -13.76
C ALA A 239 15.61 18.10 -15.01
N SER A 240 14.28 18.05 -14.99
CA SER A 240 13.47 18.46 -16.13
C SER A 240 13.89 19.80 -16.75
N PRO A 241 14.17 20.81 -15.91
CA PRO A 241 14.56 22.10 -16.48
C PRO A 241 15.69 21.97 -17.51
N ILE A 242 16.62 21.05 -17.25
CA ILE A 242 17.74 20.82 -18.16
C ILE A 242 17.34 19.92 -19.32
N GLU A 243 16.83 18.73 -18.99
CA GLU A 243 16.43 17.75 -20.00
C GLU A 243 15.39 18.18 -21.03
N ILE A 244 14.37 18.91 -20.59
N ILE A 244 14.37 18.91 -20.59
CA ILE A 244 13.33 19.36 -21.52
CA ILE A 244 13.33 19.36 -21.52
C ILE A 244 13.05 20.86 -21.42
C ILE A 244 13.05 20.86 -21.42
N GLY A 245 13.67 21.52 -20.45
CA GLY A 245 13.45 22.94 -20.28
C GLY A 245 14.42 23.84 -21.01
N GLY A 246 15.53 23.27 -21.46
CA GLY A 246 16.52 24.06 -22.18
C GLY A 246 17.33 24.99 -21.27
N LEU A 247 17.28 24.74 -19.97
CA LEU A 247 18.03 25.56 -19.02
C LEU A 247 19.36 24.88 -18.69
N PRO A 248 20.36 25.67 -18.25
CA PRO A 248 21.70 25.18 -17.90
C PRO A 248 21.81 24.54 -16.53
N THR A 249 20.76 24.63 -15.71
CA THR A 249 20.82 24.05 -14.38
C THR A 249 19.46 23.62 -13.86
N ALA A 250 19.47 22.88 -12.75
CA ALA A 250 18.24 22.40 -12.13
C ALA A 250 18.19 22.88 -10.68
N ASP A 251 19.15 23.75 -10.34
CA ASP A 251 19.27 24.33 -9.00
C ASP A 251 17.93 24.94 -8.56
N PRO A 252 17.33 24.42 -7.49
CA PRO A 252 16.04 24.95 -7.00
C PRO A 252 16.08 26.43 -6.64
N LEU A 253 17.26 26.98 -6.42
CA LEU A 253 17.37 28.39 -6.07
C LEU A 253 17.63 29.28 -7.28
N ASP A 254 17.85 28.67 -8.45
CA ASP A 254 18.09 29.43 -9.67
C ASP A 254 16.76 30.10 -10.04
N PRO A 255 16.76 31.42 -10.24
CA PRO A 255 15.53 32.14 -10.59
C PRO A 255 14.74 31.55 -11.76
N GLU A 256 15.44 31.22 -12.85
CA GLU A 256 14.76 30.67 -14.03
C GLU A 256 14.22 29.26 -13.79
N VAL A 257 14.89 28.50 -12.94
CA VAL A 257 14.42 27.15 -12.65
C VAL A 257 13.08 27.24 -11.92
N ARG A 258 13.01 28.13 -10.93
CA ARG A 258 11.79 28.31 -10.16
C ARG A 258 10.65 28.72 -11.09
N ARG A 259 10.95 29.63 -12.01
N ARG A 259 10.95 29.63 -12.01
CA ARG A 259 9.98 30.12 -12.97
CA ARG A 259 9.98 30.12 -12.97
C ARG A 259 9.51 29.00 -13.90
C ARG A 259 9.51 29.00 -13.90
N TRP A 260 10.46 28.20 -14.38
CA TRP A 260 10.14 27.10 -15.28
C TRP A 260 9.13 26.15 -14.65
N TRP A 261 9.33 25.80 -13.38
CA TRP A 261 8.40 24.91 -12.71
C TRP A 261 7.03 25.55 -12.53
N LYS A 262 7.01 26.84 -12.19
CA LYS A 262 5.72 27.51 -12.02
C LYS A 262 4.95 27.47 -13.34
N GLU A 263 5.65 27.68 -14.44
CA GLU A 263 5.02 27.67 -15.76
C GLU A 263 4.57 26.26 -16.10
N THR A 264 5.36 25.28 -15.70
CA THR A 264 5.00 23.89 -15.96
C THR A 264 3.71 23.56 -15.20
N ALA A 265 3.64 23.99 -13.95
CA ALA A 265 2.45 23.73 -13.14
C ALA A 265 1.21 24.33 -13.80
N LYS A 266 1.31 25.62 -14.14
CA LYS A 266 0.21 26.33 -14.79
C LYS A 266 -0.26 25.56 -16.02
N ARG A 267 0.69 25.11 -16.83
CA ARG A 267 0.38 24.36 -18.04
C ARG A 267 -0.37 23.07 -17.74
N ILE A 268 0.08 22.35 -16.71
CA ILE A 268 -0.56 21.10 -16.33
C ILE A 268 -2.01 21.33 -15.91
N TYR A 269 -2.23 22.34 -15.08
CA TYR A 269 -3.57 22.62 -14.59
C TYR A 269 -4.56 23.08 -15.66
N GLN A 270 -4.05 23.48 -16.82
N GLN A 270 -4.05 23.48 -16.82
CA GLN A 270 -4.92 23.91 -17.90
CA GLN A 270 -4.92 23.91 -17.90
C GLN A 270 -5.55 22.67 -18.53
C GLN A 270 -5.55 22.67 -18.53
N TYR A 271 -4.84 21.54 -18.42
CA TYR A 271 -5.32 20.27 -18.96
C TYR A 271 -6.06 19.51 -17.86
N ILE A 272 -5.53 19.61 -16.63
CA ILE A 272 -6.09 18.91 -15.48
C ILE A 272 -6.28 19.88 -14.32
N PRO A 273 -7.44 20.58 -14.29
CA PRO A 273 -7.79 21.57 -13.26
C PRO A 273 -7.66 21.10 -11.81
N ASP A 274 -7.81 19.81 -11.58
CA ASP A 274 -7.71 19.27 -10.22
C ASP A 274 -6.50 18.35 -10.04
N PHE A 275 -5.46 18.60 -10.84
CA PHE A 275 -4.23 17.82 -10.79
C PHE A 275 -3.79 17.67 -9.33
N GLY A 276 -3.40 16.45 -8.96
CA GLY A 276 -2.99 16.20 -7.59
C GLY A 276 -1.66 16.80 -7.20
N GLY A 277 -0.67 16.68 -8.09
CA GLY A 277 0.64 17.20 -7.78
C GLY A 277 1.76 16.29 -8.23
N PHE A 278 2.92 16.45 -7.63
CA PHE A 278 4.09 15.66 -7.99
C PHE A 278 4.59 14.71 -6.90
N VAL A 279 5.06 13.54 -7.34
CA VAL A 279 5.67 12.57 -6.43
C VAL A 279 7.12 12.75 -6.84
N VAL A 280 8.02 12.89 -5.86
CA VAL A 280 9.42 13.13 -6.19
C VAL A 280 10.48 12.25 -5.55
N LYS A 281 11.31 11.64 -6.39
CA LYS A 281 12.42 10.84 -5.90
C LYS A 281 13.65 11.59 -6.42
N ALA A 282 14.35 12.28 -5.53
CA ALA A 282 15.53 13.05 -5.93
C ALA A 282 16.77 12.71 -5.09
N PRO A 288 20.87 14.90 -11.48
CA PRO A 288 20.98 16.25 -10.86
C PRO A 288 19.76 16.55 -9.98
N GLY A 289 20.02 16.82 -8.71
CA GLY A 289 18.96 17.12 -7.77
C GLY A 289 19.40 18.23 -6.83
N PRO A 290 18.60 18.57 -5.81
CA PRO A 290 19.02 19.64 -4.91
C PRO A 290 20.43 19.44 -4.34
N PHE A 291 20.77 18.22 -3.94
CA PHE A 291 22.09 17.92 -3.39
C PHE A 291 23.20 18.28 -4.38
N THR A 292 22.91 18.12 -5.67
CA THR A 292 23.88 18.42 -6.71
C THR A 292 24.38 19.86 -6.61
N TYR A 293 23.53 20.75 -6.10
CA TYR A 293 23.90 22.15 -5.99
C TYR A 293 24.03 22.64 -4.55
N GLY A 294 24.31 21.71 -3.64
CA GLY A 294 24.46 22.08 -2.24
C GLY A 294 23.20 22.55 -1.53
N ARG A 295 22.03 22.22 -2.06
CA ARG A 295 20.78 22.63 -1.42
C ARG A 295 20.24 21.46 -0.62
N ASP A 296 19.45 21.73 0.42
CA ASP A 296 18.89 20.64 1.20
C ASP A 296 17.51 20.29 0.64
N HIS A 297 16.93 19.22 1.13
CA HIS A 297 15.64 18.78 0.62
C HIS A 297 14.47 19.70 0.93
N ALA A 298 14.64 20.60 1.88
CA ALA A 298 13.59 21.55 2.22
C ALA A 298 13.56 22.56 1.06
N GLU A 299 14.74 23.02 0.67
CA GLU A 299 14.85 23.96 -0.43
C GLU A 299 14.37 23.28 -1.71
N GLY A 300 14.76 22.01 -1.87
CA GLY A 300 14.35 21.27 -3.06
C GLY A 300 12.85 21.08 -3.15
N ALA A 301 12.23 20.65 -2.06
CA ALA A 301 10.79 20.43 -2.04
C ALA A 301 9.98 21.72 -2.07
N ASN A 302 10.42 22.73 -1.33
CA ASN A 302 9.70 24.00 -1.29
C ASN A 302 9.58 24.73 -2.62
N MET A 303 10.58 24.55 -3.49
CA MET A 303 10.56 25.18 -4.80
C MET A 303 9.42 24.61 -5.62
N LEU A 304 9.27 23.28 -5.59
CA LEU A 304 8.19 22.63 -6.33
C LEU A 304 6.86 22.95 -5.66
N ALA A 305 6.89 23.09 -4.33
CA ALA A 305 5.68 23.41 -3.58
C ALA A 305 5.15 24.79 -3.94
N GLU A 306 6.05 25.72 -4.18
CA GLU A 306 5.65 27.08 -4.52
C GLU A 306 5.03 27.13 -5.91
N ALA A 307 5.49 26.25 -6.79
CA ALA A 307 4.96 26.20 -8.15
C ALA A 307 3.52 25.66 -8.17
N LEU A 308 3.25 24.67 -7.31
CA LEU A 308 1.93 24.05 -7.24
C LEU A 308 0.94 24.77 -6.33
N ALA A 309 1.46 25.52 -5.36
CA ALA A 309 0.63 26.22 -4.38
C ALA A 309 -0.58 27.00 -4.91
N PRO A 310 -0.39 27.85 -5.93
CA PRO A 310 -1.51 28.62 -6.49
C PRO A 310 -2.63 27.76 -7.03
N PHE A 311 -2.29 26.52 -7.38
CA PHE A 311 -3.26 25.60 -7.97
C PHE A 311 -3.77 24.56 -6.98
N GLY A 312 -3.25 24.58 -5.76
CA GLY A 312 -3.69 23.62 -4.76
C GLY A 312 -3.03 22.26 -4.88
N GLY A 313 -1.92 22.19 -5.62
CA GLY A 313 -1.23 20.93 -5.79
C GLY A 313 -0.37 20.56 -4.60
N LEU A 314 -0.02 19.27 -4.51
CA LEU A 314 0.81 18.80 -3.42
C LEU A 314 2.13 18.22 -3.92
N VAL A 315 3.16 18.31 -3.09
CA VAL A 315 4.45 17.74 -3.45
C VAL A 315 4.70 16.58 -2.50
N ILE A 316 4.78 15.38 -3.07
N ILE A 316 4.78 15.38 -3.07
CA ILE A 316 5.04 14.18 -2.28
CA ILE A 316 5.04 14.18 -2.28
C ILE A 316 6.53 13.92 -2.40
C ILE A 316 6.53 13.92 -2.40
N TRP A 317 7.28 14.28 -1.36
CA TRP A 317 8.72 14.12 -1.36
C TRP A 317 9.14 12.84 -0.65
N ARG A 318 9.65 11.89 -1.40
CA ARG A 318 10.07 10.61 -0.83
C ARG A 318 11.37 10.72 -0.05
N CYS A 319 11.39 10.12 1.13
CA CYS A 319 12.54 10.17 2.02
C CYS A 319 13.46 8.95 1.87
N PHE A 320 13.26 8.19 0.79
CA PHE A 320 14.10 7.02 0.56
C PHE A 320 15.42 7.57 0.02
N VAL A 321 16.24 8.06 0.93
CA VAL A 321 17.53 8.64 0.60
C VAL A 321 18.60 8.00 1.47
N TYR A 322 19.77 7.75 0.87
CA TYR A 322 20.87 7.14 1.60
C TYR A 322 22.14 7.13 0.75
N ASN A 323 23.25 6.84 1.41
CA ASN A 323 24.53 6.79 0.72
C ASN A 323 24.59 5.50 -0.08
N CYS A 324 24.30 5.58 -1.37
CA CYS A 324 24.32 4.40 -2.22
C CYS A 324 25.76 4.11 -2.66
N GLN A 325 26.70 4.54 -1.83
CA GLN A 325 28.13 4.33 -2.09
C GLN A 325 28.82 4.17 -0.74
N GLN A 326 28.19 3.38 0.14
CA GLN A 326 28.70 3.13 1.47
C GLN A 326 29.83 2.11 1.47
N ASP A 327 30.77 2.26 2.40
CA ASP A 327 31.90 1.35 2.50
C ASP A 327 31.55 0.25 3.49
N TRP A 328 31.51 -1.00 3.03
CA TRP A 328 31.17 -2.11 3.91
C TRP A 328 32.15 -2.24 5.08
N ARG A 329 33.34 -1.67 4.92
CA ARG A 329 34.38 -1.73 5.96
C ARG A 329 34.04 -0.86 7.16
N ASP A 330 33.37 0.27 6.91
CA ASP A 330 33.03 1.21 7.97
C ASP A 330 31.77 0.84 8.75
N ARG A 331 31.96 0.28 9.94
CA ARG A 331 30.83 -0.12 10.77
C ARG A 331 30.24 1.03 11.59
N THR A 332 30.72 2.25 11.36
CA THR A 332 30.20 3.41 12.09
C THR A 332 29.09 4.04 11.26
N THR A 333 29.09 3.80 9.95
CA THR A 333 28.07 4.33 9.06
C THR A 333 26.92 3.33 9.02
N ASP A 334 25.71 3.81 9.27
CA ASP A 334 24.53 2.95 9.30
C ASP A 334 23.43 3.48 8.38
N ARG A 335 23.16 2.76 7.30
CA ARG A 335 22.13 3.17 6.35
C ARG A 335 20.78 3.37 7.04
N ALA A 336 20.51 2.57 8.06
CA ALA A 336 19.24 2.67 8.77
C ALA A 336 19.00 4.05 9.41
N LYS A 337 20.09 4.74 9.75
CA LYS A 337 20.00 6.06 10.39
C LYS A 337 19.83 7.21 9.38
N ALA A 338 20.19 6.95 8.13
CA ALA A 338 20.15 7.96 7.07
C ALA A 338 18.88 8.81 6.92
N ALA A 339 17.73 8.19 6.76
CA ALA A 339 16.48 8.93 6.58
C ALA A 339 16.23 9.94 7.70
N TYR A 340 16.35 9.49 8.95
CA TYR A 340 16.14 10.35 10.10
C TYR A 340 17.18 11.47 10.18
N ASP A 341 18.45 11.15 10.01
CA ASP A 341 19.49 12.18 10.08
C ASP A 341 19.36 13.21 8.98
N HIS A 342 18.77 12.80 7.85
CA HIS A 342 18.59 13.71 6.72
C HIS A 342 17.40 14.65 6.90
N PHE A 343 16.26 14.10 7.33
CA PHE A 343 15.06 14.92 7.47
C PHE A 343 14.69 15.48 8.83
N LYS A 344 14.98 14.73 9.89
CA LYS A 344 14.64 15.20 11.24
C LYS A 344 15.04 16.66 11.45
N PRO A 345 16.30 17.01 11.13
CA PRO A 345 16.80 18.38 11.30
C PRO A 345 16.04 19.45 10.52
N LEU A 346 15.32 19.03 9.48
CA LEU A 346 14.58 19.96 8.64
C LEU A 346 13.13 20.19 9.06
N ASP A 347 12.73 19.59 10.18
CA ASP A 347 11.35 19.76 10.64
C ASP A 347 11.02 21.24 10.82
N GLY A 348 9.91 21.67 10.23
CA GLY A 348 9.48 23.06 10.35
C GLY A 348 9.98 23.96 9.22
N GLN A 349 10.76 23.40 8.30
CA GLN A 349 11.28 24.18 7.18
C GLN A 349 10.54 23.92 5.87
N PHE A 350 9.64 22.94 5.88
CA PHE A 350 8.89 22.57 4.68
C PHE A 350 7.60 23.37 4.50
N ARG A 351 7.27 23.67 3.25
CA ARG A 351 6.04 24.41 2.95
C ARG A 351 4.87 23.51 3.32
N GLU A 352 3.72 24.14 3.58
CA GLU A 352 2.52 23.44 3.99
C GLU A 352 1.99 22.36 3.04
N ASN A 353 2.20 22.52 1.73
CA ASN A 353 1.71 21.52 0.78
C ASN A 353 2.73 20.45 0.41
N VAL A 354 3.74 20.29 1.28
CA VAL A 354 4.75 19.26 1.06
C VAL A 354 4.47 18.14 2.07
N ILE A 355 4.50 16.91 1.59
CA ILE A 355 4.29 15.75 2.46
C ILE A 355 5.49 14.84 2.28
N LEU A 356 6.16 14.51 3.38
CA LEU A 356 7.32 13.63 3.31
C LEU A 356 6.77 12.21 3.28
N GLN A 357 7.13 11.44 2.25
CA GLN A 357 6.67 10.07 2.12
C GLN A 357 7.78 9.14 2.59
N ILE A 358 7.50 8.40 3.65
CA ILE A 358 8.47 7.53 4.29
C ILE A 358 8.07 6.05 4.26
N LYS A 359 9.00 5.19 3.84
CA LYS A 359 8.74 3.76 3.80
C LYS A 359 8.47 3.26 5.22
N ASN A 360 7.72 2.17 5.34
CA ASN A 360 7.40 1.66 6.67
C ASN A 360 8.66 1.41 7.50
N GLY A 361 9.73 1.00 6.82
CA GLY A 361 10.98 0.72 7.51
C GLY A 361 12.10 1.64 7.05
N PRO A 362 13.21 1.73 7.81
CA PRO A 362 14.36 2.59 7.48
C PRO A 362 15.35 2.01 6.48
N MET A 363 15.11 0.79 6.01
CA MET A 363 16.02 0.19 5.04
C MET A 363 15.35 0.12 3.67
N ASP A 364 14.72 -1.01 3.33
CA ASP A 364 14.09 -1.10 2.02
C ASP A 364 13.10 -2.26 1.82
N PHE A 365 11.89 -2.08 2.36
CA PHE A 365 10.80 -3.05 2.23
C PHE A 365 11.18 -4.52 2.47
N GLN A 366 12.01 -4.79 3.48
CA GLN A 366 12.40 -6.16 3.76
C GLN A 366 11.27 -6.93 4.43
N VAL A 367 11.33 -8.25 4.40
N VAL A 367 11.33 -8.25 4.40
CA VAL A 367 10.28 -9.08 5.00
CA VAL A 367 10.28 -9.08 5.00
C VAL A 367 9.90 -8.57 6.37
C VAL A 367 9.90 -8.57 6.37
N ARG A 368 10.89 -8.07 7.11
CA ARG A 368 10.63 -7.49 8.44
C ARG A 368 11.66 -6.41 8.67
N GLU A 369 11.20 -5.25 9.10
CA GLU A 369 12.05 -4.12 9.42
C GLU A 369 11.39 -3.39 10.56
N PRO A 370 12.20 -2.78 11.46
CA PRO A 370 11.56 -2.06 12.56
C PRO A 370 10.95 -0.82 11.91
N VAL A 371 10.12 -0.09 12.65
CA VAL A 371 9.47 1.10 12.11
C VAL A 371 10.44 2.27 11.88
N SER A 372 10.26 2.99 10.78
CA SER A 372 11.10 4.15 10.50
C SER A 372 11.00 5.15 11.66
N PRO A 373 12.15 5.50 12.27
CA PRO A 373 12.14 6.46 13.38
C PRO A 373 11.54 7.82 13.01
N LEU A 374 11.53 8.15 11.72
CA LEU A 374 10.98 9.43 11.30
C LEU A 374 9.53 9.65 11.72
N PHE A 375 8.75 8.57 11.81
CA PHE A 375 7.36 8.70 12.23
C PHE A 375 7.28 9.13 13.69
N GLY A 376 6.69 10.30 13.92
CA GLY A 376 6.56 10.83 15.26
C GLY A 376 7.67 11.82 15.63
N ALA A 377 8.71 11.89 14.81
CA ALA A 377 9.83 12.78 15.07
C ALA A 377 9.74 14.16 14.43
N MET A 378 8.75 14.39 13.58
CA MET A 378 8.62 15.68 12.91
C MET A 378 7.21 16.25 13.07
N PRO A 379 6.93 16.84 14.25
CA PRO A 379 5.64 17.44 14.60
C PRO A 379 5.18 18.54 13.65
N LYS A 380 6.13 19.23 13.03
CA LYS A 380 5.81 20.34 12.13
C LYS A 380 5.89 20.02 10.65
N THR A 381 5.93 18.75 10.28
CA THR A 381 6.02 18.38 8.88
C THR A 381 5.07 17.24 8.52
N ASN A 382 4.25 17.45 7.50
CA ASN A 382 3.31 16.43 7.06
C ASN A 382 4.06 15.15 6.70
N GLN A 383 3.50 14.02 7.07
CA GLN A 383 4.12 12.74 6.74
C GLN A 383 3.09 11.74 6.23
N MET A 384 3.54 10.87 5.34
N MET A 384 3.54 10.87 5.34
CA MET A 384 2.71 9.81 4.77
CA MET A 384 2.71 9.81 4.77
C MET A 384 3.61 8.58 4.67
C MET A 384 3.61 8.58 4.67
N MET A 385 3.06 7.43 5.00
CA MET A 385 3.84 6.20 4.93
C MET A 385 3.67 5.53 3.58
N GLU A 386 4.75 4.95 3.09
CA GLU A 386 4.76 4.25 1.82
C GLU A 386 4.97 2.77 2.13
N VAL A 387 4.10 1.91 1.60
CA VAL A 387 4.25 0.47 1.80
C VAL A 387 4.35 -0.11 0.39
N GLN A 388 4.87 -1.32 0.28
CA GLN A 388 5.04 -1.92 -1.03
C GLN A 388 4.09 -3.10 -1.22
N ILE A 389 3.11 -2.92 -2.11
CA ILE A 389 2.14 -3.98 -2.36
C ILE A 389 2.80 -5.02 -3.26
N THR A 390 3.57 -4.56 -4.25
CA THR A 390 4.29 -5.50 -5.11
C THR A 390 5.31 -6.15 -4.17
N GLN A 391 5.39 -7.48 -4.24
CA GLN A 391 6.26 -8.26 -3.35
C GLN A 391 7.73 -8.39 -3.75
N GLU A 392 8.43 -7.26 -3.88
CA GLU A 392 9.83 -7.28 -4.27
C GLU A 392 10.70 -8.20 -3.42
N TYR A 393 10.62 -8.04 -2.11
CA TYR A 393 11.42 -8.86 -1.21
C TYR A 393 10.55 -9.86 -0.46
N THR A 394 9.28 -9.94 -0.83
CA THR A 394 8.36 -10.82 -0.13
C THR A 394 7.69 -11.92 -0.97
N GLY A 395 8.45 -12.51 -1.90
CA GLY A 395 7.92 -13.59 -2.72
C GLY A 395 7.64 -13.29 -4.18
N GLN A 396 7.62 -12.01 -4.53
CA GLN A 396 7.39 -11.59 -5.91
C GLN A 396 6.17 -12.28 -6.55
N GLN A 397 5.12 -12.42 -5.75
CA GLN A 397 3.88 -13.04 -6.16
C GLN A 397 4.00 -14.50 -6.62
N LYS A 398 5.13 -15.11 -6.30
CA LYS A 398 5.34 -16.52 -6.61
C LYS A 398 4.99 -17.18 -5.28
N HIS A 399 5.52 -16.62 -4.20
CA HIS A 399 5.23 -17.10 -2.85
C HIS A 399 4.04 -16.28 -2.38
N LEU A 400 3.14 -16.90 -1.63
CA LEU A 400 1.99 -16.19 -1.09
C LEU A 400 2.46 -15.36 0.10
N CYS A 401 2.02 -14.11 0.16
CA CYS A 401 2.39 -13.26 1.29
C CYS A 401 1.38 -12.13 1.47
N PHE A 402 0.37 -12.38 2.31
CA PHE A 402 -0.68 -11.42 2.65
C PHE A 402 0.01 -10.41 3.56
N LEU A 403 0.22 -9.20 3.05
CA LEU A 403 0.94 -8.16 3.77
C LEU A 403 0.19 -7.37 4.84
N ILE A 404 -1.13 -7.53 4.92
CA ILE A 404 -1.92 -6.77 5.89
C ILE A 404 -1.47 -6.91 7.35
N PRO A 405 -1.19 -8.14 7.82
CA PRO A 405 -0.76 -8.27 9.21
C PRO A 405 0.49 -7.44 9.52
N GLN A 406 1.46 -7.43 8.59
CA GLN A 406 2.68 -6.67 8.81
C GLN A 406 2.38 -5.18 8.86
N TRP A 407 1.55 -4.71 7.94
CA TRP A 407 1.22 -3.30 7.93
C TRP A 407 0.52 -2.87 9.21
N LYS A 408 -0.28 -3.75 9.80
CA LYS A 408 -0.96 -3.41 11.03
C LYS A 408 0.04 -3.29 12.17
N GLU A 409 1.08 -4.14 12.15
CA GLU A 409 2.10 -4.08 13.19
C GLU A 409 2.78 -2.71 13.13
N VAL A 410 3.02 -2.23 11.92
CA VAL A 410 3.65 -0.93 11.72
C VAL A 410 2.70 0.19 12.17
N LEU A 411 1.46 0.14 11.67
CA LEU A 411 0.44 1.14 12.00
C LEU A 411 0.16 1.22 13.50
N ASP A 412 0.13 0.07 14.18
CA ASP A 412 -0.16 0.04 15.61
C ASP A 412 1.05 0.25 16.50
N PHE A 413 2.23 0.39 15.89
CA PHE A 413 3.45 0.63 16.65
C PHE A 413 3.34 1.96 17.37
N ASP A 414 3.52 1.94 18.69
CA ASP A 414 3.42 3.17 19.47
C ASP A 414 4.78 3.86 19.51
N THR A 415 4.86 5.06 18.93
CA THR A 415 6.12 5.80 18.92
C THR A 415 6.37 6.53 20.24
N TYR A 416 5.31 6.71 21.02
CA TYR A 416 5.39 7.43 22.30
C TYR A 416 5.82 8.86 22.08
N ALA A 417 5.67 9.36 20.86
CA ALA A 417 6.06 10.73 20.53
C ALA A 417 5.46 11.71 21.54
N LYS A 418 4.19 11.50 21.87
CA LYS A 418 3.50 12.34 22.84
C LYS A 418 3.01 11.45 23.97
N GLY A 419 3.84 10.49 24.37
CA GLY A 419 3.45 9.57 25.42
C GLY A 419 2.68 8.42 24.81
N LYS A 420 2.22 7.51 25.67
CA LYS A 420 1.47 6.35 25.21
C LYS A 420 0.29 6.78 24.34
N GLY A 421 0.04 6.03 23.27
CA GLY A 421 -1.06 6.36 22.39
C GLY A 421 -0.62 7.23 21.22
N SER A 422 0.63 7.09 20.82
CA SER A 422 1.16 7.85 19.70
C SER A 422 1.54 6.88 18.57
N GLU A 423 0.60 5.99 18.25
CA GLU A 423 0.82 5.00 17.19
C GLU A 423 1.07 5.62 15.82
N VAL A 424 1.80 4.91 14.97
CA VAL A 424 2.11 5.39 13.64
C VAL A 424 0.86 5.83 12.88
N LYS A 425 -0.22 5.07 13.01
CA LYS A 425 -1.46 5.40 12.33
C LYS A 425 -1.98 6.79 12.72
N LYS A 426 -1.75 7.18 13.97
CA LYS A 426 -2.17 8.49 14.45
C LYS A 426 -1.23 9.59 13.96
N VAL A 427 -0.03 9.19 13.55
CA VAL A 427 0.92 10.14 13.02
C VAL A 427 0.52 10.44 11.57
N ILE A 428 0.32 9.39 10.79
CA ILE A 428 -0.02 9.57 9.39
C ILE A 428 -1.48 9.93 9.09
N ASP A 429 -2.40 9.73 10.04
CA ASP A 429 -3.77 10.13 9.76
C ASP A 429 -3.90 11.62 10.09
N GLY A 430 -2.81 12.19 10.60
CA GLY A 430 -2.75 13.59 10.94
C GLY A 430 -3.34 14.05 12.26
N SER A 431 -3.92 13.13 13.04
CA SER A 431 -4.53 13.51 14.31
C SER A 431 -3.56 13.88 15.42
N LEU A 432 -2.41 13.22 15.46
CA LEU A 432 -1.43 13.49 16.52
C LEU A 432 -0.82 14.88 16.48
N PHE A 433 -0.45 15.34 15.29
CA PHE A 433 0.19 16.64 15.15
C PHE A 433 -0.62 17.62 14.32
N ASP A 434 -1.87 17.28 14.04
N ASP A 434 -1.87 17.28 14.04
CA ASP A 434 -2.75 18.13 13.25
CA ASP A 434 -2.75 18.13 13.25
C ASP A 434 -2.15 18.43 11.88
C ASP A 434 -2.15 18.43 11.88
N TYR A 435 -1.82 17.37 11.14
CA TYR A 435 -1.24 17.53 9.80
C TYR A 435 -2.35 17.90 8.83
N ARG A 436 -2.14 18.93 8.03
CA ARG A 436 -3.15 19.35 7.05
C ARG A 436 -3.30 18.28 5.99
N TYR A 437 -2.17 17.75 5.51
CA TYR A 437 -2.16 16.70 4.49
C TYR A 437 -1.32 15.53 4.97
N SER A 438 -1.86 14.33 4.87
CA SER A 438 -1.13 13.15 5.30
C SER A 438 -1.92 11.90 4.95
N GLY A 439 -1.28 10.75 5.10
CA GLY A 439 -1.97 9.51 4.79
C GLY A 439 -1.05 8.35 4.51
N ILE A 440 -1.37 7.58 3.49
CA ILE A 440 -0.59 6.41 3.15
C ILE A 440 -0.59 6.12 1.65
N ALA A 441 0.52 5.62 1.15
CA ALA A 441 0.65 5.29 -0.27
C ALA A 441 1.14 3.85 -0.41
N GLY A 442 0.70 3.17 -1.45
CA GLY A 442 1.13 1.80 -1.68
C GLY A 442 1.63 1.60 -3.08
N VAL A 443 2.77 0.92 -3.21
CA VAL A 443 3.36 0.67 -4.53
C VAL A 443 2.57 -0.47 -5.17
N SER A 444 1.87 -0.13 -6.25
CA SER A 444 1.02 -1.06 -6.98
C SER A 444 1.58 -2.44 -7.30
N ASN A 445 0.74 -3.46 -7.16
CA ASN A 445 1.13 -4.83 -7.46
C ASN A 445 0.40 -5.36 -8.70
N ILE A 446 -0.15 -4.46 -9.52
CA ILE A 446 -0.86 -4.96 -10.70
C ILE A 446 -0.06 -4.90 -11.99
N GLY A 447 -0.55 -5.63 -12.98
CA GLY A 447 0.07 -5.70 -14.29
C GLY A 447 -0.99 -6.17 -15.27
N SER A 448 -0.59 -6.37 -16.52
N SER A 448 -0.59 -6.37 -16.52
CA SER A 448 -1.53 -6.79 -17.57
CA SER A 448 -1.53 -6.79 -17.57
C SER A 448 -2.03 -8.23 -17.43
C SER A 448 -2.03 -8.23 -17.43
N ASP A 449 -1.49 -8.99 -16.49
CA ASP A 449 -1.94 -10.37 -16.29
C ASP A 449 -3.45 -10.40 -16.13
N PRO A 450 -4.12 -11.42 -16.67
CA PRO A 450 -5.58 -11.51 -16.54
C PRO A 450 -6.06 -11.41 -15.10
N ASN A 451 -5.28 -11.94 -14.16
CA ASN A 451 -5.69 -11.87 -12.75
C ASN A 451 -5.16 -10.62 -12.05
N TRP A 452 -4.63 -9.69 -12.83
CA TRP A 452 -4.11 -8.41 -12.33
C TRP A 452 -2.86 -8.42 -11.45
N THR A 453 -2.79 -9.37 -10.51
CA THR A 453 -1.68 -9.40 -9.57
C THR A 453 -0.66 -10.54 -9.67
N GLY A 454 -0.70 -11.31 -10.77
CA GLY A 454 0.23 -12.40 -10.93
C GLY A 454 -0.25 -13.60 -10.14
N HIS A 455 -0.25 -13.46 -8.82
CA HIS A 455 -0.74 -14.52 -7.94
C HIS A 455 -2.19 -14.10 -7.70
N THR A 456 -3.13 -15.02 -7.91
CA THR A 456 -4.54 -14.71 -7.71
C THR A 456 -4.78 -14.17 -6.31
N LEU A 457 -4.19 -14.82 -5.31
CA LEU A 457 -4.39 -14.39 -3.93
C LEU A 457 -3.72 -13.09 -3.56
N ALA A 458 -2.86 -12.57 -4.44
CA ALA A 458 -2.19 -11.30 -4.19
C ALA A 458 -3.20 -10.17 -4.36
N GLN A 459 -4.37 -10.50 -4.90
CA GLN A 459 -5.43 -9.53 -5.09
C GLN A 459 -5.83 -9.01 -3.70
N ALA A 460 -5.68 -9.87 -2.71
CA ALA A 460 -6.02 -9.52 -1.33
C ALA A 460 -5.13 -8.42 -0.77
N ASN A 461 -3.90 -8.28 -1.29
CA ASN A 461 -3.01 -7.24 -0.78
C ASN A 461 -3.44 -5.87 -1.26
N LEU A 462 -3.97 -5.79 -2.48
CA LEU A 462 -4.43 -4.51 -3.01
C LEU A 462 -5.72 -4.13 -2.29
N TYR A 463 -6.63 -5.09 -2.17
CA TYR A 463 -7.89 -4.89 -1.46
C TYR A 463 -7.57 -4.46 -0.03
N GLY A 464 -6.72 -5.24 0.62
CA GLY A 464 -6.34 -4.98 1.99
C GLY A 464 -5.70 -3.64 2.21
N PHE A 465 -4.87 -3.21 1.26
CA PHE A 465 -4.22 -1.90 1.38
C PHE A 465 -5.29 -0.83 1.47
N GLY A 466 -6.26 -0.89 0.57
CA GLY A 466 -7.33 0.09 0.58
C GLY A 466 -8.13 0.09 1.87
N ARG A 467 -8.43 -1.09 2.41
CA ARG A 467 -9.20 -1.19 3.63
C ARG A 467 -8.44 -0.57 4.81
N LEU A 468 -7.15 -0.83 4.92
CA LEU A 468 -6.37 -0.26 6.02
C LEU A 468 -6.23 1.24 5.83
N ALA A 469 -6.09 1.66 4.57
CA ALA A 469 -5.94 3.08 4.25
C ALA A 469 -7.19 3.81 4.74
N TRP A 470 -8.35 3.20 4.51
CA TRP A 470 -9.61 3.78 4.94
C TRP A 470 -9.73 3.79 6.46
N ASN A 471 -9.45 2.64 7.08
CA ASN A 471 -9.53 2.51 8.52
C ASN A 471 -8.50 1.51 9.04
N PRO A 472 -7.35 2.02 9.53
CA PRO A 472 -6.27 1.18 10.07
C PRO A 472 -6.69 0.29 11.23
N ASP A 473 -7.81 0.60 11.88
CA ASP A 473 -8.26 -0.20 13.00
C ASP A 473 -8.94 -1.51 12.59
N LEU A 474 -9.19 -1.70 11.31
CA LEU A 474 -9.81 -2.93 10.85
C LEU A 474 -8.85 -4.08 11.13
N SER A 475 -9.39 -5.23 11.51
CA SER A 475 -8.55 -6.38 11.83
C SER A 475 -8.16 -7.11 10.55
N ALA A 476 -7.00 -7.76 10.58
CA ALA A 476 -6.54 -8.52 9.42
C ALA A 476 -7.56 -9.62 9.15
N GLU A 477 -8.12 -10.15 10.24
CA GLU A 477 -9.12 -11.22 10.15
C GLU A 477 -10.35 -10.81 9.36
N GLU A 478 -10.93 -9.65 9.67
CA GLU A 478 -12.12 -9.23 8.94
C GLU A 478 -11.83 -8.78 7.52
N ILE A 479 -10.64 -8.22 7.30
CA ILE A 479 -10.27 -7.80 5.94
C ILE A 479 -10.12 -9.05 5.09
N ALA A 480 -9.48 -10.07 5.63
CA ALA A 480 -9.29 -11.31 4.90
C ALA A 480 -10.65 -11.96 4.63
N ASN A 481 -11.53 -11.93 5.63
CA ASN A 481 -12.86 -12.50 5.51
C ASN A 481 -13.64 -11.80 4.40
N GLU A 482 -13.65 -10.48 4.41
CA GLU A 482 -14.36 -9.71 3.38
C GLU A 482 -13.88 -10.09 1.98
N TRP A 483 -12.56 -10.11 1.82
CA TRP A 483 -11.97 -10.42 0.52
C TRP A 483 -12.28 -11.83 0.04
N VAL A 484 -12.14 -12.81 0.92
CA VAL A 484 -12.41 -14.19 0.53
C VAL A 484 -13.86 -14.39 0.11
N VAL A 485 -14.78 -13.93 0.94
CA VAL A 485 -16.21 -14.07 0.65
C VAL A 485 -16.57 -13.45 -0.70
N GLN A 486 -16.13 -12.22 -0.92
CA GLN A 486 -16.44 -11.54 -2.17
C GLN A 486 -15.77 -12.17 -3.39
N THR A 487 -14.57 -12.69 -3.19
CA THR A 487 -13.81 -13.29 -4.28
C THR A 487 -14.07 -14.77 -4.52
N PHE A 488 -14.32 -15.53 -3.45
CA PHE A 488 -14.55 -16.97 -3.61
C PHE A 488 -15.86 -17.54 -3.07
N GLY A 489 -16.71 -16.71 -2.50
CA GLY A 489 -17.97 -17.22 -1.98
C GLY A 489 -17.99 -17.44 -0.48
N ASP A 490 -19.14 -17.86 0.04
CA ASP A 490 -19.27 -18.04 1.49
C ASP A 490 -19.24 -19.47 2.04
N ASP A 491 -18.78 -20.42 1.24
CA ASP A 491 -18.67 -21.79 1.76
C ASP A 491 -17.73 -21.72 2.96
N SER A 492 -18.21 -22.12 4.12
CA SER A 492 -17.41 -22.06 5.34
C SER A 492 -16.01 -22.68 5.27
N GLN A 493 -15.87 -23.77 4.52
CA GLN A 493 -14.56 -24.41 4.39
C GLN A 493 -13.64 -23.52 3.56
N VAL A 494 -14.18 -23.00 2.46
CA VAL A 494 -13.42 -22.13 1.58
C VAL A 494 -12.95 -20.89 2.33
N VAL A 495 -13.87 -20.24 3.03
CA VAL A 495 -13.56 -19.03 3.79
C VAL A 495 -12.51 -19.28 4.87
N GLU A 496 -12.73 -20.30 5.68
CA GLU A 496 -11.81 -20.64 6.76
C GLU A 496 -10.43 -21.00 6.23
N THR A 497 -10.39 -21.80 5.17
CA THR A 497 -9.12 -22.23 4.58
C THR A 497 -8.31 -21.11 3.94
N ILE A 498 -8.92 -20.35 3.03
CA ILE A 498 -8.19 -19.28 2.39
C ILE A 498 -7.81 -18.18 3.38
N SER A 499 -8.68 -17.92 4.36
CA SER A 499 -8.39 -16.90 5.37
C SER A 499 -7.17 -17.34 6.17
N TRP A 500 -7.12 -18.62 6.54
CA TRP A 500 -6.00 -19.14 7.29
C TRP A 500 -4.70 -19.05 6.47
N MET A 501 -4.79 -19.36 5.18
CA MET A 501 -3.63 -19.27 4.30
C MET A 501 -3.10 -17.84 4.25
N LEU A 502 -4.00 -16.90 4.04
CA LEU A 502 -3.61 -15.49 3.98
C LEU A 502 -2.98 -15.03 5.29
N LEU A 503 -3.68 -15.24 6.39
CA LEU A 503 -3.20 -14.81 7.70
C LEU A 503 -1.88 -15.40 8.19
N SER A 504 -1.52 -16.59 7.72
N SER A 504 -1.52 -16.59 7.72
CA SER A 504 -0.26 -17.20 8.17
CA SER A 504 -0.26 -17.20 8.17
C SER A 504 0.86 -17.10 7.15
C SER A 504 0.86 -17.10 7.15
N SER A 505 0.54 -16.74 5.91
CA SER A 505 1.53 -16.64 4.85
C SER A 505 2.79 -15.80 5.09
N TRP A 506 2.63 -14.59 5.60
CA TRP A 506 3.80 -13.74 5.84
C TRP A 506 4.80 -14.39 6.79
N ARG A 507 4.30 -14.91 7.90
CA ARG A 507 5.17 -15.56 8.89
C ARG A 507 5.87 -16.76 8.26
N ILE A 508 5.16 -17.49 7.42
CA ILE A 508 5.71 -18.67 6.76
C ILE A 508 6.88 -18.26 5.85
N TYR A 509 6.67 -17.22 5.04
CA TYR A 509 7.72 -16.75 4.14
C TYR A 509 8.92 -16.23 4.94
N GLU A 510 8.66 -15.48 6.01
CA GLU A 510 9.77 -14.97 6.81
C GLU A 510 10.56 -16.13 7.42
N ASN A 511 9.86 -17.17 7.83
CA ASN A 511 10.51 -18.32 8.43
C ASN A 511 11.63 -18.90 7.60
N TYR A 512 11.43 -19.02 6.28
CA TYR A 512 12.51 -19.58 5.48
C TYR A 512 13.38 -18.57 4.73
N THR A 513 13.23 -17.29 5.04
CA THR A 513 14.07 -16.27 4.43
C THR A 513 15.01 -15.67 5.48
N SER A 514 15.13 -14.35 5.51
N SER A 514 15.13 -14.35 5.51
CA SER A 514 16.00 -13.67 6.45
CA SER A 514 16.00 -13.67 6.45
C SER A 514 15.58 -13.90 7.91
C SER A 514 15.58 -13.90 7.91
N PRO A 515 16.54 -14.27 8.77
CA PRO A 515 16.26 -14.52 10.18
C PRO A 515 16.33 -13.34 11.14
N LEU A 516 15.43 -13.35 12.12
CA LEU A 516 15.39 -12.37 13.19
C LEU A 516 15.55 -10.89 12.82
N GLY A 517 14.92 -10.48 11.74
CA GLY A 517 14.96 -9.09 11.31
C GLY A 517 16.19 -8.51 10.65
N VAL A 518 17.22 -9.32 10.40
CA VAL A 518 18.44 -8.80 9.79
C VAL A 518 18.20 -8.44 8.31
N GLY A 519 17.19 -9.09 7.72
CA GLY A 519 16.83 -8.82 6.34
C GLY A 519 17.78 -9.29 5.25
N TRP A 520 17.43 -8.93 4.02
CA TRP A 520 18.23 -9.24 2.84
C TRP A 520 18.51 -10.73 2.59
N MET A 521 19.77 -11.08 2.36
CA MET A 521 20.14 -12.45 2.05
C MET A 521 19.45 -12.89 0.76
N VAL A 522 19.26 -11.93 -0.15
CA VAL A 522 18.62 -12.19 -1.44
C VAL A 522 19.61 -12.03 -2.59
N ASN A 523 19.29 -12.63 -3.74
CA ASN A 523 20.14 -12.51 -4.91
C ASN A 523 20.15 -11.03 -5.32
N PRO A 524 21.31 -10.51 -5.72
CA PRO A 524 21.40 -9.10 -6.12
C PRO A 524 20.71 -8.87 -7.46
N GLY A 525 20.36 -7.62 -7.74
CA GLY A 525 19.71 -7.32 -9.00
C GLY A 525 18.22 -7.53 -8.97
N HIS A 526 17.76 -8.74 -9.26
CA HIS A 526 16.33 -9.03 -9.26
C HIS A 526 15.73 -9.27 -7.87
N HIS A 527 16.58 -9.53 -6.88
CA HIS A 527 16.15 -9.71 -5.50
C HIS A 527 15.28 -10.92 -5.15
N TYR A 528 15.25 -11.91 -6.02
CA TYR A 528 14.45 -13.10 -5.79
C TYR A 528 15.31 -14.30 -5.41
N GLY A 529 14.98 -14.95 -4.31
CA GLY A 529 15.74 -16.12 -3.94
C GLY A 529 16.89 -15.89 -3.00
N PRO A 530 17.35 -16.97 -2.34
CA PRO A 530 18.44 -16.97 -1.36
C PRO A 530 19.84 -16.75 -1.93
N ASN A 531 20.61 -15.95 -1.18
CA ASN A 531 21.98 -15.61 -1.48
C ASN A 531 22.42 -14.84 -0.25
N VAL A 532 22.81 -15.58 0.78
CA VAL A 532 23.19 -14.97 2.05
C VAL A 532 24.18 -13.82 1.95
N ASP A 533 25.26 -14.01 1.18
CA ASP A 533 26.26 -12.94 1.02
C ASP A 533 26.00 -12.05 -0.20
N GLY A 534 24.81 -12.19 -0.79
CA GLY A 534 24.45 -11.41 -1.96
C GLY A 534 24.94 -9.97 -2.01
N TYR A 535 24.66 -9.21 -0.96
CA TYR A 535 25.08 -7.80 -0.90
C TYR A 535 25.98 -7.56 0.31
N GLU A 536 26.49 -8.64 0.89
CA GLU A 536 27.34 -8.54 2.09
C GLU A 536 28.60 -7.71 1.96
N TYR A 537 29.15 -7.60 0.76
CA TYR A 537 30.35 -6.79 0.55
C TYR A 537 30.07 -5.73 -0.51
N SER A 538 28.82 -5.32 -0.61
CA SER A 538 28.43 -4.31 -1.57
C SER A 538 28.53 -2.92 -0.94
N HIS A 539 28.16 -1.91 -1.71
CA HIS A 539 28.21 -0.53 -1.23
C HIS A 539 26.82 -0.03 -0.85
N TRP A 540 25.88 -0.96 -0.67
CA TRP A 540 24.52 -0.59 -0.32
C TRP A 540 24.18 -0.52 1.17
N GLY A 541 25.15 -0.77 2.04
CA GLY A 541 24.91 -0.69 3.46
C GLY A 541 23.91 -1.71 4.01
N THR A 542 23.83 -2.87 3.36
CA THR A 542 22.92 -3.92 3.78
C THR A 542 23.76 -5.13 4.19
N TYR A 543 24.22 -5.13 5.44
CA TYR A 543 25.08 -6.20 5.92
C TYR A 543 24.56 -6.94 7.15
N HIS A 544 24.91 -8.22 7.26
CA HIS A 544 24.51 -9.02 8.41
C HIS A 544 25.73 -9.35 9.28
N TYR A 545 26.93 -9.16 8.73
CA TYR A 545 28.18 -9.39 9.44
C TYR A 545 28.36 -10.78 10.02
N ALA A 546 27.75 -11.78 9.38
CA ALA A 546 27.90 -13.13 9.90
C ALA A 546 29.34 -13.61 9.78
N ASP A 547 29.83 -14.28 10.81
CA ASP A 547 31.16 -14.84 10.77
C ASP A 547 31.08 -16.20 11.47
N ARG A 548 32.22 -16.83 11.72
CA ARG A 548 32.19 -18.15 12.34
C ARG A 548 31.67 -18.20 13.77
N ASP A 549 31.57 -17.04 14.42
CA ASP A 549 31.08 -17.00 15.81
C ASP A 549 29.67 -16.46 16.01
N GLY A 550 29.26 -15.51 15.19
CA GLY A 550 27.94 -14.94 15.38
C GLY A 550 27.45 -14.12 14.20
N ILE A 551 26.40 -13.35 14.44
CA ILE A 551 25.79 -12.55 13.39
C ILE A 551 24.99 -11.37 13.96
N GLY A 552 24.68 -10.40 13.11
CA GLY A 552 23.89 -9.26 13.54
C GLY A 552 24.57 -7.92 13.39
N VAL A 553 23.74 -6.88 13.37
CA VAL A 553 24.25 -5.51 13.26
C VAL A 553 24.13 -4.88 14.64
N ASP A 554 25.24 -4.41 15.18
CA ASP A 554 25.21 -3.75 16.47
C ASP A 554 24.76 -2.31 16.25
N ARG A 555 23.49 -2.04 16.52
CA ARG A 555 22.96 -0.69 16.34
C ARG A 555 22.69 0.00 17.66
N THR A 556 23.34 -0.49 18.72
CA THR A 556 23.17 0.07 20.05
C THR A 556 23.97 1.36 20.19
N VAL A 557 23.59 2.14 21.19
CA VAL A 557 24.30 3.38 21.48
C VAL A 557 25.56 2.99 22.23
N ALA A 558 25.42 2.05 23.15
CA ALA A 558 26.52 1.58 23.98
C ALA A 558 27.76 1.15 23.19
N THR A 559 27.57 0.29 22.19
CA THR A 559 28.71 -0.18 21.41
C THR A 559 28.57 -0.13 19.90
N GLY A 560 27.37 0.19 19.41
CA GLY A 560 27.14 0.21 17.97
C GLY A 560 26.97 1.54 17.27
N THR A 561 26.12 1.55 16.24
CA THR A 561 25.85 2.74 15.44
C THR A 561 25.02 3.80 16.15
N GLY A 562 24.37 3.42 17.23
CA GLY A 562 23.54 4.35 17.97
C GLY A 562 22.17 4.60 17.35
N TYR A 563 21.76 3.73 16.43
CA TYR A 563 20.48 3.83 15.76
C TYR A 563 19.30 3.81 16.75
N THR A 564 19.42 3.04 17.82
CA THR A 564 18.35 2.95 18.81
C THR A 564 17.92 4.31 19.34
N ALA A 565 18.87 5.23 19.44
CA ALA A 565 18.59 6.58 19.95
C ALA A 565 17.65 7.39 19.07
N GLN A 566 17.34 6.90 17.87
CA GLN A 566 16.44 7.65 16.99
C GLN A 566 14.99 7.46 17.44
N TYR A 567 14.74 6.42 18.25
CA TYR A 567 13.40 6.17 18.77
C TYR A 567 13.21 6.97 20.05
N PHE A 568 11.96 7.12 20.49
CA PHE A 568 11.72 7.81 21.74
C PHE A 568 12.19 6.87 22.84
N PRO A 569 12.52 7.41 24.02
CA PRO A 569 13.01 6.63 25.17
C PRO A 569 12.44 5.23 25.40
N GLU A 570 11.12 5.08 25.38
CA GLU A 570 10.53 3.78 25.62
C GLU A 570 10.97 2.70 24.64
N ASN A 571 10.94 3.01 23.34
CA ASN A 571 11.36 2.02 22.36
C ASN A 571 12.88 1.92 22.26
N ALA A 572 13.56 3.05 22.45
CA ALA A 572 15.01 3.05 22.39
C ALA A 572 15.58 2.07 23.42
N ALA A 573 15.06 2.12 24.64
CA ALA A 573 15.51 1.25 25.72
C ALA A 573 15.21 -0.22 25.45
N MET A 574 14.05 -0.49 24.87
N MET A 574 14.05 -0.49 24.87
CA MET A 574 13.65 -1.86 24.57
CA MET A 574 13.65 -1.86 24.57
C MET A 574 14.63 -2.52 23.59
C MET A 574 14.63 -2.52 23.59
N TYR A 575 14.99 -1.78 22.53
CA TYR A 575 15.92 -2.30 21.53
C TYR A 575 17.37 -2.26 21.96
N GLU A 576 17.72 -1.26 22.78
CA GLU A 576 19.08 -1.08 23.27
C GLU A 576 19.55 -2.27 24.08
N SER A 577 18.68 -2.82 24.91
CA SER A 577 19.03 -3.95 25.76
C SER A 577 18.92 -5.28 25.04
N LEU A 578 19.96 -6.09 25.16
CA LEU A 578 20.02 -7.40 24.53
C LEU A 578 18.98 -8.33 25.15
N ASP A 579 18.61 -8.04 26.40
N ASP A 579 18.61 -8.04 26.40
CA ASP A 579 17.64 -8.86 27.12
CA ASP A 579 17.64 -8.86 27.12
C ASP A 579 16.19 -8.52 26.83
C ASP A 579 16.19 -8.52 26.83
N THR A 580 15.92 -7.27 26.49
CA THR A 580 14.55 -6.84 26.20
C THR A 580 14.26 -6.76 24.70
N CYS A 581 15.29 -6.64 23.88
CA CYS A 581 15.07 -6.54 22.44
C CYS A 581 14.29 -7.75 21.96
N PRO A 582 13.17 -7.53 21.25
CA PRO A 582 12.35 -8.62 20.73
C PRO A 582 13.15 -9.58 19.85
N ASP A 583 12.88 -10.88 19.96
CA ASP A 583 13.59 -11.87 19.14
C ASP A 583 13.46 -11.54 17.64
N GLU A 584 12.23 -11.25 17.20
CA GLU A 584 11.96 -10.99 15.80
C GLU A 584 12.75 -9.86 15.15
N LEU A 585 13.40 -9.03 15.96
CA LEU A 585 14.19 -7.91 15.44
C LEU A 585 15.61 -7.94 16.00
N LEU A 586 15.94 -8.97 16.77
CA LEU A 586 17.24 -9.06 17.41
C LEU A 586 18.46 -8.79 16.54
N LEU A 587 18.56 -9.44 15.38
CA LEU A 587 19.73 -9.26 14.54
C LEU A 587 19.78 -7.92 13.82
N PHE A 588 18.72 -7.15 13.89
CA PHE A 588 18.72 -5.85 13.25
C PHE A 588 19.38 -4.85 14.21
N PHE A 589 19.28 -5.16 15.51
CA PHE A 589 19.80 -4.27 16.55
C PHE A 589 21.05 -4.72 17.30
N HIS A 590 21.31 -6.04 17.32
CA HIS A 590 22.46 -6.57 18.04
C HIS A 590 23.29 -7.59 17.26
N HIS A 591 24.60 -7.60 17.51
CA HIS A 591 25.47 -8.60 16.90
C HIS A 591 25.63 -9.59 18.03
N VAL A 592 25.25 -10.84 17.80
CA VAL A 592 25.32 -11.83 18.87
C VAL A 592 25.93 -13.16 18.46
N PRO A 593 26.41 -13.93 19.45
CA PRO A 593 27.00 -15.24 19.13
C PRO A 593 25.87 -16.16 18.69
N TYR A 594 26.19 -17.15 17.87
CA TYR A 594 25.20 -18.12 17.41
C TYR A 594 24.55 -18.84 18.58
N THR A 595 25.28 -18.94 19.68
CA THR A 595 24.78 -19.63 20.86
C THR A 595 23.90 -18.76 21.75
N HIS A 596 23.75 -17.49 21.39
CA HIS A 596 22.93 -16.58 22.19
C HIS A 596 21.53 -17.17 22.34
N ARG A 597 21.00 -17.15 23.56
CA ARG A 597 19.68 -17.71 23.85
C ARG A 597 18.56 -16.68 23.67
N LEU A 598 17.61 -16.99 22.79
CA LEU A 598 16.46 -16.12 22.50
C LEU A 598 15.38 -16.28 23.58
N HIS A 599 14.42 -15.35 23.58
CA HIS A 599 13.31 -15.40 24.53
C HIS A 599 12.53 -16.70 24.33
N SER A 600 12.58 -17.25 23.12
CA SER A 600 11.87 -18.48 22.82
C SER A 600 12.60 -19.70 23.40
N GLY A 601 13.82 -19.49 23.86
CA GLY A 601 14.61 -20.58 24.40
C GLY A 601 15.60 -21.14 23.38
N GLU A 602 15.38 -20.81 22.10
CA GLU A 602 16.25 -21.29 21.04
C GLU A 602 17.54 -20.49 20.98
N THR A 603 18.63 -21.14 20.58
CA THR A 603 19.87 -20.42 20.40
C THR A 603 19.61 -19.75 19.04
N VAL A 604 20.36 -18.69 18.73
CA VAL A 604 20.16 -18.02 17.45
C VAL A 604 20.36 -18.99 16.28
N ILE A 605 21.39 -19.81 16.34
CA ILE A 605 21.65 -20.75 15.24
C ILE A 605 20.54 -21.79 15.10
N GLN A 606 20.07 -22.35 16.21
CA GLN A 606 19.02 -23.37 16.12
C GLN A 606 17.72 -22.76 15.63
N HIS A 607 17.49 -21.49 15.98
CA HIS A 607 16.29 -20.80 15.54
C HIS A 607 16.32 -20.76 14.01
N ILE A 608 17.47 -20.40 13.46
CA ILE A 608 17.62 -20.34 12.02
C ILE A 608 17.24 -21.68 11.40
N TYR A 609 17.83 -22.76 11.92
CA TYR A 609 17.52 -24.07 11.38
C TYR A 609 16.04 -24.38 11.52
N ASN A 610 15.50 -24.19 12.73
CA ASN A 610 14.08 -24.46 12.98
C ASN A 610 13.12 -23.79 12.02
N THR A 611 13.20 -22.46 11.90
CA THR A 611 12.27 -21.77 11.02
C THR A 611 12.43 -22.13 9.55
N HIS A 612 13.64 -22.46 9.13
CA HIS A 612 13.84 -22.80 7.74
C HIS A 612 13.33 -24.19 7.40
N PHE A 613 13.59 -25.16 8.26
CA PHE A 613 13.07 -26.50 8.02
C PHE A 613 11.54 -26.45 8.15
N GLU A 614 11.07 -25.89 9.27
CA GLU A 614 9.64 -25.83 9.54
C GLU A 614 8.85 -24.92 8.58
N GLY A 615 9.48 -23.85 8.11
CA GLY A 615 8.80 -22.96 7.18
C GLY A 615 8.42 -23.70 5.90
N VAL A 616 9.29 -24.59 5.45
CA VAL A 616 9.03 -25.37 4.24
C VAL A 616 7.85 -26.30 4.46
N GLU A 617 7.79 -26.92 5.64
CA GLU A 617 6.70 -27.84 5.94
C GLU A 617 5.39 -27.06 6.01
N GLN A 618 5.46 -25.82 6.49
CA GLN A 618 4.28 -24.97 6.58
C GLN A 618 3.84 -24.59 5.16
N ALA A 619 4.79 -24.41 4.26
CA ALA A 619 4.46 -24.07 2.88
C ALA A 619 3.77 -25.27 2.22
N LYS A 620 4.21 -26.47 2.56
CA LYS A 620 3.59 -27.66 1.99
C LYS A 620 2.14 -27.73 2.47
N GLN A 621 1.91 -27.30 3.71
CA GLN A 621 0.57 -27.31 4.29
C GLN A 621 -0.34 -26.32 3.56
N LEU A 622 0.21 -25.17 3.18
CA LEU A 622 -0.58 -24.18 2.44
C LEU A 622 -1.11 -24.85 1.19
N ARG A 623 -0.23 -25.56 0.49
CA ARG A 623 -0.63 -26.24 -0.75
C ARG A 623 -1.64 -27.34 -0.49
N LYS A 624 -1.43 -28.12 0.57
CA LYS A 624 -2.33 -29.20 0.92
C LYS A 624 -3.74 -28.69 1.22
N ARG A 625 -3.83 -27.61 1.99
CA ARG A 625 -5.12 -27.03 2.35
C ARG A 625 -5.84 -26.52 1.11
N TRP A 626 -5.08 -25.97 0.16
CA TRP A 626 -5.67 -25.47 -1.07
C TRP A 626 -6.21 -26.62 -1.90
N GLU A 627 -5.45 -27.69 -1.99
CA GLU A 627 -5.87 -28.86 -2.76
C GLU A 627 -7.18 -29.43 -2.23
N GLN A 628 -7.39 -29.34 -0.93
CA GLN A 628 -8.61 -29.85 -0.30
C GLN A 628 -9.84 -29.05 -0.71
N LEU A 629 -9.63 -27.93 -1.40
CA LEU A 629 -10.73 -27.09 -1.83
C LEU A 629 -11.13 -27.39 -3.28
N LYS A 630 -10.42 -28.30 -3.93
CA LYS A 630 -10.74 -28.64 -5.31
C LYS A 630 -12.23 -28.98 -5.41
N GLY A 631 -12.88 -28.45 -6.44
CA GLY A 631 -14.30 -28.70 -6.61
C GLY A 631 -15.16 -27.58 -6.03
N LYS A 632 -14.56 -26.76 -5.17
CA LYS A 632 -15.29 -25.65 -4.55
C LYS A 632 -14.83 -24.29 -5.09
N ILE A 633 -13.93 -24.34 -6.07
CA ILE A 633 -13.39 -23.14 -6.72
C ILE A 633 -13.34 -23.50 -8.21
N ASP A 634 -13.59 -22.53 -9.09
CA ASP A 634 -13.55 -22.82 -10.52
C ASP A 634 -12.18 -23.37 -10.88
N GLU A 635 -12.13 -24.24 -11.88
CA GLU A 635 -10.89 -24.88 -12.28
C GLU A 635 -9.74 -23.96 -12.69
N LYS A 636 -10.06 -22.86 -13.37
CA LYS A 636 -9.02 -21.92 -13.80
C LYS A 636 -8.26 -21.34 -12.62
N ARG A 637 -8.98 -20.73 -11.67
CA ARG A 637 -8.32 -20.13 -10.52
C ARG A 637 -7.73 -21.18 -9.60
N TYR A 638 -8.39 -22.33 -9.50
CA TYR A 638 -7.88 -23.41 -8.66
C TYR A 638 -6.47 -23.77 -9.13
N HIS A 639 -6.30 -23.99 -10.42
CA HIS A 639 -5.00 -24.35 -10.99
C HIS A 639 -3.99 -23.21 -11.05
N ASP A 640 -4.45 -21.98 -11.25
CA ASP A 640 -3.55 -20.84 -11.29
C ASP A 640 -2.84 -20.77 -9.94
N VAL A 641 -3.61 -20.89 -8.87
CA VAL A 641 -3.07 -20.83 -7.52
C VAL A 641 -2.25 -22.07 -7.17
N LEU A 642 -2.75 -23.24 -7.54
CA LEU A 642 -2.01 -24.48 -7.25
C LEU A 642 -0.63 -24.42 -7.90
N GLU A 643 -0.56 -23.91 -9.12
CA GLU A 643 0.70 -23.78 -9.83
C GLU A 643 1.69 -22.95 -9.02
N ARG A 644 1.22 -21.80 -8.52
CA ARG A 644 2.06 -20.91 -7.73
C ARG A 644 2.47 -21.54 -6.41
N LEU A 645 1.53 -22.20 -5.73
CA LEU A 645 1.83 -22.84 -4.46
C LEU A 645 2.91 -23.90 -4.63
N THR A 646 2.89 -24.61 -5.77
CA THR A 646 3.90 -25.63 -6.02
C THR A 646 5.23 -24.95 -6.27
N ILE A 647 5.20 -23.85 -7.01
CA ILE A 647 6.41 -23.09 -7.27
C ILE A 647 6.98 -22.63 -5.92
N GLN A 648 6.08 -22.20 -5.02
CA GLN A 648 6.49 -21.73 -3.70
C GLN A 648 7.17 -22.83 -2.91
N VAL A 649 6.54 -24.00 -2.84
CA VAL A 649 7.12 -25.12 -2.10
C VAL A 649 8.51 -25.47 -2.60
N GLU A 650 8.68 -25.55 -3.91
CA GLU A 650 9.98 -25.90 -4.46
C GLU A 650 11.04 -24.84 -4.17
N HIS A 651 10.67 -23.56 -4.27
CA HIS A 651 11.62 -22.50 -4.01
C HIS A 651 11.93 -22.39 -2.51
N ALA A 652 10.93 -22.66 -1.68
CA ALA A 652 11.13 -22.62 -0.23
C ALA A 652 12.21 -23.63 0.15
N LYS A 653 12.23 -24.76 -0.56
CA LYS A 653 13.24 -25.80 -0.29
C LYS A 653 14.63 -25.24 -0.56
N GLU A 654 14.74 -24.40 -1.58
CA GLU A 654 16.01 -23.79 -1.94
C GLU A 654 16.40 -22.79 -0.85
N TRP A 655 15.45 -21.98 -0.41
CA TRP A 655 15.70 -21.01 0.67
C TRP A 655 16.19 -21.75 1.92
N ARG A 656 15.46 -22.79 2.29
CA ARG A 656 15.80 -23.60 3.45
C ARG A 656 17.23 -24.13 3.41
N ASP A 657 17.54 -24.87 2.36
CA ASP A 657 18.87 -25.47 2.23
C ASP A 657 20.03 -24.50 2.08
N VAL A 658 19.88 -23.49 1.24
CA VAL A 658 20.95 -22.51 1.06
C VAL A 658 21.28 -21.85 2.39
N ILE A 659 20.26 -21.37 3.09
CA ILE A 659 20.50 -20.70 4.36
C ILE A 659 21.05 -21.67 5.41
N ASN A 660 20.45 -22.85 5.53
CA ASN A 660 20.94 -23.82 6.50
C ASN A 660 22.38 -24.21 6.24
N THR A 661 22.72 -24.47 4.99
CA THR A 661 24.08 -24.85 4.64
C THR A 661 25.07 -23.73 4.91
N TYR A 662 24.71 -22.51 4.53
CA TYR A 662 25.60 -21.37 4.75
C TYR A 662 25.93 -21.24 6.23
N PHE A 663 24.92 -21.33 7.08
CA PHE A 663 25.19 -21.17 8.50
C PHE A 663 25.83 -22.39 9.15
N TYR A 664 25.63 -23.55 8.56
CA TYR A 664 26.31 -24.72 9.12
C TYR A 664 27.79 -24.58 8.74
N ARG A 665 28.05 -24.22 7.48
CA ARG A 665 29.43 -24.07 7.03
C ARG A 665 30.17 -22.98 7.81
N LYS A 666 29.45 -21.99 8.31
CA LYS A 666 30.11 -20.92 9.05
C LYS A 666 30.13 -21.15 10.57
N SER A 667 29.02 -21.63 11.13
CA SER A 667 28.94 -21.84 12.57
C SER A 667 29.51 -23.18 13.01
N GLY A 668 29.39 -24.18 12.13
CA GLY A 668 29.89 -25.51 12.46
C GLY A 668 28.98 -26.23 13.45
N ILE A 669 27.84 -25.63 13.77
CA ILE A 669 26.90 -26.22 14.71
C ILE A 669 25.80 -26.98 13.98
N ASP A 670 25.62 -28.25 14.33
CA ASP A 670 24.62 -29.09 13.69
C ASP A 670 23.19 -28.82 14.14
N ASP A 671 22.23 -29.23 13.32
CA ASP A 671 20.82 -29.08 13.66
C ASP A 671 20.51 -29.99 14.85
N GLN A 672 19.88 -29.41 15.86
CA GLN A 672 19.51 -30.13 17.08
C GLN A 672 18.72 -31.41 16.78
N TYR A 673 17.84 -31.33 15.80
CA TYR A 673 16.97 -32.44 15.43
C TYR A 673 17.49 -33.36 14.33
N GLY A 674 18.74 -33.16 13.95
CA GLY A 674 19.36 -33.99 12.93
C GLY A 674 18.70 -34.02 11.57
N ARG A 675 18.08 -32.92 11.17
CA ARG A 675 17.43 -32.86 9.87
C ARG A 675 18.50 -32.66 8.79
N LYS A 676 18.12 -32.91 7.54
CA LYS A 676 19.06 -32.84 6.43
C LYS A 676 19.63 -31.47 6.06
N ILE A 677 20.92 -31.28 6.33
CA ILE A 677 21.62 -30.06 5.98
C ILE A 677 22.75 -30.52 5.05
N TYR A 678 22.73 -30.04 3.82
CA TYR A 678 23.78 -30.42 2.89
C TYR A 678 25.07 -29.70 3.28
N ARG A 679 26.07 -30.50 3.63
CA ARG A 679 27.39 -30.01 4.08
C ARG A 679 28.06 -29.01 3.15
#